data_5J04
#
_entry.id   5J04
#
_cell.length_a   164.230
_cell.length_b   164.230
_cell.length_c   72.680
_cell.angle_alpha   90.00
_cell.angle_beta   90.00
_cell.angle_gamma   90.00
#
_symmetry.space_group_name_H-M   'P 4 21 2'
#
loop_
_entity.id
_entity.type
_entity.pdbx_description
1 polymer Enolase
2 non-polymer PHOSPHOENOLPYRUVATE
3 non-polymer 'CALCIUM ION'
4 non-polymer 'ACETATE ION'
5 water water
#
_entity_poly.entity_id   1
_entity_poly.type   'polypeptide(L)'
_entity_poly.pdbx_seq_one_letter_code
;YGTQIAEITAREILDSRGRPTVEAEVHLEDGSVGLAQVPSGASTGTFEAHELRDDDPSRYGGKGVQKAVENVSAIEDALI
GLSALDQEGLDKAMIALDGTPNKKNLGANAILAVSLATAHAAATSLNLPLYRYLGGPLANVLPVPMMNVINGGAHADNNV
DFQEFMIMPVGAPSFKEALRWGAEVFHALAKVLKDKGLATGVGDEGGFAPNLGSNKEALELLLTAIEAAGYKPGEQVALA
MDVASSEFYKNGLYTCDGVSHEPAGMIGILADLVSQYPIVSIEDGLQEDDWSNWKTLTQQLGSTVQLVGDDLFVTNPDRL
QSGIEQGVGNAVLIKLNQIGTLTETLRTIDLATRSGYRSVISHRSGETEDTTIADLAVATRAGQIKTGSLSRSERIAKYN
RLLRIEAALGENALYAGAIGLGPK
;
_entity_poly.pdbx_strand_id   A,B
#
loop_
_chem_comp.id
_chem_comp.type
_chem_comp.name
_chem_comp.formula
ACT non-polymer 'ACETATE ION' 'C2 H3 O2 -1'
CA non-polymer 'CALCIUM ION' 'Ca 2'
PEP non-polymer PHOSPHOENOLPYRUVATE 'C3 H5 O6 P'
#
# COMPACT_ATOMS: atom_id res chain seq x y z
N TYR A 1 16.61 -31.24 11.95
CA TYR A 1 15.20 -31.68 11.77
C TYR A 1 14.25 -30.47 11.87
N GLY A 2 14.46 -29.61 12.86
CA GLY A 2 13.60 -28.43 13.16
C GLY A 2 13.41 -27.49 11.97
N THR A 3 14.40 -27.40 11.09
CA THR A 3 14.40 -26.47 9.93
C THR A 3 13.95 -27.21 8.67
N GLN A 4 13.54 -28.47 8.78
CA GLN A 4 12.97 -29.18 7.62
C GLN A 4 11.65 -28.52 7.23
N ILE A 5 11.37 -28.42 5.94
CA ILE A 5 10.04 -27.96 5.45
C ILE A 5 9.02 -29.06 5.79
N ALA A 6 7.92 -28.66 6.44
CA ALA A 6 6.75 -29.48 6.80
C ALA A 6 5.57 -29.18 5.88
N GLU A 7 5.40 -27.91 5.46
CA GLU A 7 4.19 -27.48 4.70
C GLU A 7 4.54 -26.30 3.78
N ILE A 8 4.10 -26.38 2.53
CA ILE A 8 4.13 -25.23 1.58
C ILE A 8 2.72 -25.08 1.00
N THR A 9 2.12 -23.93 1.27
CA THR A 9 0.75 -23.53 0.83
C THR A 9 0.89 -22.26 0.00
N ALA A 10 0.09 -22.11 -1.06
CA ALA A 10 0.02 -20.89 -1.90
C ALA A 10 -1.43 -20.44 -1.97
N ARG A 11 -1.66 -19.18 -2.32
CA ARG A 11 -2.99 -18.53 -2.28
C ARG A 11 -2.98 -17.48 -3.40
N GLU A 12 -4.11 -17.25 -4.04
CA GLU A 12 -4.33 -16.13 -4.96
C GLU A 12 -4.72 -14.90 -4.13
N ILE A 13 -3.91 -13.85 -4.18
CA ILE A 13 -4.19 -12.56 -3.48
C ILE A 13 -4.21 -11.49 -4.56
N LEU A 14 -4.32 -10.22 -4.17
CA LEU A 14 -4.27 -9.10 -5.14
C LEU A 14 -3.04 -8.26 -4.87
N ASP A 15 -2.47 -7.72 -5.94
CA ASP A 15 -1.36 -6.77 -5.85
C ASP A 15 -1.90 -5.34 -5.69
N SER A 16 -1.00 -4.37 -5.68
CA SER A 16 -1.32 -2.95 -5.44
C SER A 16 -2.20 -2.41 -6.57
N ARG A 17 -2.32 -3.11 -7.70
CA ARG A 17 -3.17 -2.62 -8.82
C ARG A 17 -4.51 -3.35 -8.86
N GLY A 18 -4.79 -4.21 -7.89
CA GLY A 18 -6.04 -4.99 -7.89
C GLY A 18 -5.96 -6.09 -8.92
N ARG A 19 -4.77 -6.63 -9.15
CA ARG A 19 -4.57 -7.79 -10.06
C ARG A 19 -4.11 -8.98 -9.25
N PRO A 20 -4.56 -10.21 -9.61
CA PRO A 20 -4.13 -11.41 -8.90
C PRO A 20 -2.61 -11.54 -8.95
N THR A 21 -2.04 -12.06 -7.86
CA THR A 21 -0.64 -12.53 -7.80
C THR A 21 -0.61 -13.68 -6.81
N VAL A 22 0.58 -14.24 -6.60
CA VAL A 22 0.79 -15.44 -5.77
C VAL A 22 1.41 -15.03 -4.42
N GLU A 23 0.91 -15.64 -3.34
CA GLU A 23 1.65 -15.72 -2.06
C GLU A 23 1.83 -17.19 -1.70
N ALA A 24 2.96 -17.46 -1.05
CA ALA A 24 3.32 -18.77 -0.52
C ALA A 24 3.59 -18.63 0.98
N GLU A 25 3.26 -19.70 1.69
CA GLU A 25 3.40 -19.89 3.15
C GLU A 25 4.23 -21.17 3.30
N VAL A 26 5.37 -21.06 3.97
CA VAL A 26 6.29 -22.19 4.29
C VAL A 26 6.32 -22.35 5.82
N HIS A 27 5.94 -23.54 6.29
CA HIS A 27 6.02 -23.96 7.72
C HIS A 27 7.16 -24.97 7.88
N LEU A 28 7.99 -24.79 8.90
CA LEU A 28 9.07 -25.75 9.25
C LEU A 28 8.60 -26.62 10.43
N GLU A 29 9.30 -27.73 10.68
CA GLU A 29 8.93 -28.68 11.76
C GLU A 29 8.94 -27.94 13.09
N ASP A 30 9.83 -26.97 13.28
CA ASP A 30 9.94 -26.20 14.56
C ASP A 30 8.82 -25.16 14.67
N GLY A 31 7.94 -25.05 13.66
CA GLY A 31 6.75 -24.16 13.69
C GLY A 31 7.01 -22.77 13.12
N SER A 32 8.25 -22.50 12.68
CA SER A 32 8.62 -21.27 11.93
C SER A 32 7.74 -21.18 10.67
N VAL A 33 7.20 -19.99 10.43
CA VAL A 33 6.32 -19.66 9.27
C VAL A 33 7.00 -18.52 8.49
N GLY A 34 7.23 -18.77 7.21
CA GLY A 34 7.62 -17.75 6.23
C GLY A 34 6.49 -17.50 5.27
N LEU A 35 6.23 -16.23 5.01
CA LEU A 35 5.15 -15.75 4.10
C LEU A 35 5.74 -14.67 3.19
N ALA A 36 5.53 -14.82 1.88
CA ALA A 36 6.03 -13.94 0.83
C ALA A 36 4.99 -13.77 -0.29
N GLN A 37 4.96 -12.58 -0.88
CA GLN A 37 4.09 -12.22 -2.04
C GLN A 37 4.99 -11.80 -3.18
N VAL A 38 4.52 -12.06 -4.39
CA VAL A 38 5.29 -11.91 -5.67
C VAL A 38 4.80 -10.65 -6.37
N PRO A 39 5.68 -9.74 -6.78
CA PRO A 39 5.25 -8.58 -7.55
C PRO A 39 5.04 -8.96 -9.02
N SER A 40 4.57 -7.99 -9.79
CA SER A 40 4.28 -8.14 -11.24
C SER A 40 4.39 -6.78 -11.93
N GLY A 41 5.05 -6.72 -13.08
CA GLY A 41 5.06 -5.57 -13.99
C GLY A 41 5.18 -6.06 -15.42
N ALA A 42 5.15 -5.15 -16.39
CA ALA A 42 5.07 -5.45 -17.83
C ALA A 42 6.41 -6.08 -18.27
N SER A 43 6.35 -7.28 -18.84
CA SER A 43 7.54 -8.04 -19.34
C SER A 43 8.28 -7.22 -20.42
N THR A 44 9.62 -7.31 -20.46
CA THR A 44 10.49 -6.61 -21.44
C THR A 44 10.75 -7.51 -22.66
N GLY A 45 10.61 -8.83 -22.53
CA GLY A 45 10.81 -9.76 -23.65
C GLY A 45 11.43 -11.06 -23.18
N THR A 46 12.35 -11.59 -24.00
CA THR A 46 12.61 -13.05 -24.12
C THR A 46 13.31 -13.61 -22.86
N PHE A 47 14.11 -12.80 -22.13
CA PHE A 47 14.99 -13.24 -21.02
C PHE A 47 14.31 -13.03 -19.65
N GLU A 48 13.13 -12.38 -19.62
CA GLU A 48 12.31 -12.24 -18.39
C GLU A 48 11.58 -13.57 -18.12
N ALA A 49 11.76 -14.14 -16.92
CA ALA A 49 11.13 -15.41 -16.50
C ALA A 49 9.61 -15.24 -16.59
N HIS A 50 8.91 -16.29 -17.06
CA HIS A 50 7.48 -16.26 -17.43
C HIS A 50 6.64 -16.18 -16.16
N GLU A 51 5.87 -15.10 -16.02
CA GLU A 51 4.72 -14.96 -15.09
C GLU A 51 3.55 -15.77 -15.63
N LEU A 52 3.16 -16.84 -14.91
CA LEU A 52 2.06 -17.73 -15.36
C LEU A 52 0.71 -17.13 -14.98
N ARG A 53 -0.09 -16.80 -16.00
CA ARG A 53 -1.51 -16.37 -15.89
C ARG A 53 -2.44 -17.48 -16.40
N ASP A 54 -3.65 -17.52 -15.85
CA ASP A 54 -4.67 -18.56 -16.12
C ASP A 54 -5.25 -18.39 -17.52
N ASP A 55 -5.40 -17.13 -17.99
CA ASP A 55 -5.98 -16.75 -19.32
C ASP A 55 -7.41 -17.30 -19.42
N ASP A 56 -8.13 -17.26 -18.29
CA ASP A 56 -9.58 -17.54 -18.17
C ASP A 56 -10.30 -16.20 -18.26
N PRO A 57 -11.00 -15.88 -19.38
CA PRO A 57 -11.55 -14.54 -19.58
C PRO A 57 -12.68 -14.23 -18.59
N SER A 58 -13.25 -15.26 -17.95
CA SER A 58 -14.38 -15.14 -16.99
C SER A 58 -13.90 -14.87 -15.55
N ARG A 59 -12.59 -14.82 -15.30
CA ARG A 59 -11.97 -14.53 -13.97
C ARG A 59 -10.90 -13.45 -14.12
N TYR A 60 -11.09 -12.30 -13.47
CA TYR A 60 -10.08 -11.22 -13.34
C TYR A 60 -9.52 -10.80 -14.70
N GLY A 61 -10.36 -10.82 -15.74
CA GLY A 61 -10.01 -10.39 -17.12
C GLY A 61 -8.91 -11.24 -17.73
N GLY A 62 -8.78 -12.52 -17.34
CA GLY A 62 -7.74 -13.45 -17.82
C GLY A 62 -6.47 -13.45 -16.98
N LYS A 63 -6.45 -12.78 -15.82
CA LYS A 63 -5.20 -12.53 -15.06
C LYS A 63 -5.21 -13.29 -13.72
N GLY A 64 -6.06 -14.32 -13.60
CA GLY A 64 -6.01 -15.24 -12.45
C GLY A 64 -4.67 -15.94 -12.37
N VAL A 65 -4.30 -16.43 -11.18
CA VAL A 65 -3.03 -17.16 -10.96
C VAL A 65 -3.31 -18.48 -10.23
N GLN A 66 -4.51 -19.03 -10.37
CA GLN A 66 -4.89 -20.38 -9.82
C GLN A 66 -3.92 -21.46 -10.33
N LYS A 67 -3.46 -21.41 -11.59
CA LYS A 67 -2.54 -22.45 -12.13
C LYS A 67 -1.20 -22.39 -11.39
N ALA A 68 -0.60 -21.20 -11.25
CA ALA A 68 0.61 -20.94 -10.44
C ALA A 68 0.38 -21.44 -9.02
N VAL A 69 -0.73 -21.07 -8.39
CA VAL A 69 -1.06 -21.49 -6.98
C VAL A 69 -1.10 -23.02 -6.91
N GLU A 70 -1.80 -23.67 -7.83
CA GLU A 70 -1.90 -25.16 -7.88
C GLU A 70 -0.48 -25.74 -8.08
N ASN A 71 0.36 -25.15 -8.92
CA ASN A 71 1.74 -25.65 -9.20
C ASN A 71 2.57 -25.64 -7.91
N VAL A 72 2.27 -24.78 -6.94
CA VAL A 72 2.98 -24.80 -5.63
C VAL A 72 2.73 -26.15 -4.94
N SER A 73 1.63 -26.81 -5.23
CA SER A 73 1.33 -28.18 -4.71
C SER A 73 2.39 -29.20 -5.18
N ALA A 74 2.84 -29.16 -6.45
CA ALA A 74 3.91 -30.04 -6.98
C ALA A 74 5.28 -29.66 -6.39
N ILE A 75 5.50 -28.36 -6.15
CA ILE A 75 6.70 -27.82 -5.43
C ILE A 75 6.68 -28.35 -3.99
N GLU A 76 5.53 -28.38 -3.34
CA GLU A 76 5.41 -28.90 -1.95
C GLU A 76 5.84 -30.38 -1.93
N ASP A 77 5.38 -31.20 -2.90
CA ASP A 77 5.72 -32.66 -2.99
C ASP A 77 7.24 -32.84 -3.12
N ALA A 78 7.91 -32.01 -3.90
CA ALA A 78 9.37 -32.10 -4.14
C ALA A 78 10.18 -31.62 -2.93
N LEU A 79 9.67 -30.69 -2.10
CA LEU A 79 10.52 -29.90 -1.15
C LEU A 79 10.31 -30.33 0.31
N ILE A 80 9.19 -30.98 0.64
CA ILE A 80 8.88 -31.45 2.02
C ILE A 80 10.07 -32.29 2.50
N GLY A 81 10.57 -32.04 3.70
CA GLY A 81 11.70 -32.80 4.25
C GLY A 81 13.05 -32.17 3.97
N LEU A 82 13.20 -31.31 2.95
CA LEU A 82 14.50 -30.59 2.76
C LEU A 82 14.64 -29.49 3.82
N SER A 83 15.87 -29.14 4.14
CA SER A 83 16.20 -28.08 5.12
C SER A 83 15.94 -26.73 4.46
N ALA A 84 15.24 -25.85 5.16
CA ALA A 84 14.95 -24.46 4.71
C ALA A 84 16.27 -23.68 4.60
N LEU A 85 17.32 -24.10 5.30
CA LEU A 85 18.63 -23.39 5.33
C LEU A 85 19.36 -23.58 4.00
N ASP A 86 19.04 -24.63 3.24
CA ASP A 86 19.68 -24.95 1.94
C ASP A 86 18.92 -24.21 0.84
N GLN A 87 19.01 -22.88 0.87
CA GLN A 87 18.31 -21.98 -0.09
C GLN A 87 18.65 -22.43 -1.50
N GLU A 88 19.94 -22.66 -1.73
CA GLU A 88 20.47 -22.92 -3.09
C GLU A 88 19.92 -24.26 -3.58
N GLY A 89 19.95 -25.32 -2.75
CA GLY A 89 19.42 -26.65 -3.10
C GLY A 89 17.93 -26.60 -3.37
N LEU A 90 17.22 -25.87 -2.51
CA LEU A 90 15.76 -25.56 -2.64
C LEU A 90 15.54 -24.96 -4.04
N ASP A 91 16.24 -23.87 -4.38
CA ASP A 91 16.00 -23.12 -5.64
C ASP A 91 16.36 -24.04 -6.83
N LYS A 92 17.45 -24.79 -6.72
CA LYS A 92 17.93 -25.68 -7.81
C LYS A 92 16.94 -26.81 -8.04
N ALA A 93 16.29 -27.29 -6.96
CA ALA A 93 15.30 -28.37 -7.03
C ALA A 93 14.05 -27.88 -7.79
N MET A 94 13.62 -26.64 -7.56
CA MET A 94 12.46 -26.07 -8.27
C MET A 94 12.83 -25.78 -9.72
N ILE A 95 14.06 -25.32 -9.99
CA ILE A 95 14.55 -25.04 -11.36
C ILE A 95 14.50 -26.33 -12.18
N ALA A 96 14.98 -27.43 -11.61
CA ALA A 96 15.00 -28.79 -12.19
C ALA A 96 13.58 -29.32 -12.34
N LEU A 97 12.70 -29.08 -11.36
CA LEU A 97 11.30 -29.57 -11.43
C LEU A 97 10.60 -28.88 -12.61
N ASP A 98 10.85 -27.60 -12.81
CA ASP A 98 10.26 -26.80 -13.90
C ASP A 98 10.80 -27.27 -15.28
N GLY A 99 12.12 -27.35 -15.43
CA GLY A 99 12.76 -27.99 -16.60
C GLY A 99 12.84 -27.06 -17.80
N THR A 100 12.48 -25.77 -17.65
CA THR A 100 12.50 -24.80 -18.78
C THR A 100 13.35 -23.61 -18.38
N PRO A 101 14.03 -22.98 -19.35
CA PRO A 101 14.96 -21.87 -19.05
C PRO A 101 14.26 -20.66 -18.41
N ASN A 102 13.02 -20.38 -18.81
CA ASN A 102 12.27 -19.16 -18.43
C ASN A 102 11.12 -19.50 -17.46
N LYS A 103 11.14 -20.71 -16.86
CA LYS A 103 10.22 -21.14 -15.76
C LYS A 103 8.75 -21.04 -16.22
N LYS A 104 8.49 -21.39 -17.48
CA LYS A 104 7.14 -21.27 -18.11
C LYS A 104 6.25 -22.46 -17.72
N ASN A 105 6.80 -23.50 -17.10
CA ASN A 105 6.01 -24.71 -16.72
C ASN A 105 5.38 -24.51 -15.34
N LEU A 106 6.20 -24.32 -14.29
CA LEU A 106 5.67 -24.03 -12.92
C LEU A 106 5.22 -22.59 -12.82
N GLY A 107 5.84 -21.67 -13.57
CA GLY A 107 5.59 -20.23 -13.37
C GLY A 107 6.62 -19.63 -12.44
N ALA A 108 7.38 -18.65 -12.93
CA ALA A 108 8.32 -17.83 -12.12
C ALA A 108 7.63 -17.30 -10.84
N ASN A 109 6.34 -16.96 -10.91
CA ASN A 109 5.52 -16.42 -9.78
C ASN A 109 5.29 -17.51 -8.71
N ALA A 110 5.12 -18.78 -9.10
CA ALA A 110 4.96 -19.93 -8.19
C ALA A 110 6.31 -20.18 -7.49
N ILE A 111 7.36 -20.22 -8.29
CA ILE A 111 8.72 -20.60 -7.83
C ILE A 111 9.26 -19.49 -6.91
N LEU A 112 9.14 -18.22 -7.32
CA LEU A 112 9.73 -17.11 -6.53
C LEU A 112 9.00 -17.05 -5.19
N ALA A 113 7.69 -17.33 -5.18
CA ALA A 113 6.89 -17.22 -3.94
C ALA A 113 7.47 -18.17 -2.88
N VAL A 114 7.77 -19.39 -3.27
CA VAL A 114 8.30 -20.46 -2.39
C VAL A 114 9.74 -20.10 -2.01
N SER A 115 10.51 -19.60 -2.96
CA SER A 115 11.93 -19.21 -2.79
C SER A 115 12.02 -18.14 -1.67
N LEU A 116 11.21 -17.09 -1.74
CA LEU A 116 11.24 -15.97 -0.75
C LEU A 116 10.63 -16.45 0.57
N ALA A 117 9.50 -17.18 0.50
CA ALA A 117 8.81 -17.68 1.71
C ALA A 117 9.78 -18.54 2.52
N THR A 118 10.48 -19.46 1.83
CA THR A 118 11.45 -20.36 2.49
C THR A 118 12.51 -19.53 3.21
N ALA A 119 13.08 -18.53 2.54
CA ALA A 119 14.11 -17.67 3.12
C ALA A 119 13.57 -16.99 4.39
N HIS A 120 12.35 -16.47 4.35
CA HIS A 120 11.73 -15.80 5.53
C HIS A 120 11.64 -16.78 6.72
N ALA A 121 11.26 -18.03 6.44
CA ALA A 121 11.06 -19.11 7.43
C ALA A 121 12.41 -19.50 8.05
N ALA A 122 13.44 -19.63 7.22
CA ALA A 122 14.80 -19.97 7.67
C ALA A 122 15.34 -18.83 8.55
N ALA A 123 15.16 -17.56 8.18
CA ALA A 123 15.62 -16.42 9.02
C ALA A 123 14.92 -16.50 10.39
N THR A 124 13.61 -16.76 10.40
CA THR A 124 12.77 -16.85 11.63
C THR A 124 13.24 -18.04 12.49
N SER A 125 13.50 -19.20 11.89
CA SER A 125 14.01 -20.40 12.61
C SER A 125 15.29 -20.05 13.37
N LEU A 126 16.25 -19.40 12.72
CA LEU A 126 17.55 -19.03 13.35
C LEU A 126 17.37 -17.81 14.29
N ASN A 127 16.18 -17.23 14.33
CA ASN A 127 15.89 -15.95 15.03
C ASN A 127 16.87 -14.88 14.54
N LEU A 128 17.10 -14.84 13.22
CA LEU A 128 17.88 -13.78 12.53
C LEU A 128 16.95 -12.92 11.69
N PRO A 129 17.15 -11.59 11.71
CA PRO A 129 16.50 -10.71 10.75
C PRO A 129 16.89 -11.16 9.33
N LEU A 130 16.00 -11.01 8.34
CA LEU A 130 16.24 -11.59 7.00
C LEU A 130 17.48 -10.94 6.36
N TYR A 131 17.76 -9.66 6.64
CA TYR A 131 18.91 -8.97 6.01
C TYR A 131 20.20 -9.67 6.46
N ARG A 132 20.25 -10.06 7.73
CA ARG A 132 21.43 -10.70 8.36
C ARG A 132 21.55 -12.16 7.93
N TYR A 133 20.42 -12.87 7.86
CA TYR A 133 20.38 -14.25 7.30
C TYR A 133 20.99 -14.23 5.90
N LEU A 134 20.61 -13.27 5.06
CA LEU A 134 20.97 -13.28 3.61
C LEU A 134 22.41 -12.75 3.38
N GLY A 135 23.01 -11.98 4.29
CA GLY A 135 24.22 -11.20 3.97
C GLY A 135 25.37 -11.30 4.95
N GLY A 136 25.19 -11.87 6.14
CA GLY A 136 26.28 -11.98 7.12
C GLY A 136 26.56 -10.68 7.88
N PRO A 137 27.64 -10.64 8.71
CA PRO A 137 27.80 -9.60 9.72
C PRO A 137 28.15 -8.19 9.22
N LEU A 138 28.38 -8.03 7.91
CA LEU A 138 28.60 -6.71 7.25
C LEU A 138 27.34 -6.25 6.49
N ALA A 139 26.18 -6.89 6.70
CA ALA A 139 24.89 -6.42 6.15
C ALA A 139 24.44 -5.20 6.97
N ASN A 140 24.98 -4.02 6.69
CA ASN A 140 24.79 -2.83 7.56
C ASN A 140 24.53 -1.57 6.73
N VAL A 141 24.40 -1.70 5.40
CA VAL A 141 24.29 -0.53 4.48
C VAL A 141 22.84 -0.30 4.06
N LEU A 142 22.30 0.83 4.51
CA LEU A 142 20.99 1.34 4.04
C LEU A 142 21.15 2.05 2.71
N PRO A 143 20.28 1.70 1.76
CA PRO A 143 20.40 2.18 0.38
C PRO A 143 19.94 3.62 0.29
N VAL A 144 20.47 4.32 -0.71
CA VAL A 144 19.92 5.59 -1.24
C VAL A 144 18.71 5.19 -2.05
N PRO A 145 17.52 5.75 -1.74
CA PRO A 145 16.32 5.43 -2.52
C PRO A 145 16.20 6.28 -3.78
N MET A 146 15.79 5.63 -4.87
CA MET A 146 15.37 6.28 -6.12
C MET A 146 13.86 6.51 -6.07
N MET A 147 13.45 7.73 -5.76
CA MET A 147 12.05 8.04 -5.39
C MET A 147 11.39 8.72 -6.58
N ASN A 148 10.52 7.97 -7.25
CA ASN A 148 9.57 8.42 -8.30
C ASN A 148 8.83 9.68 -7.85
N VAL A 149 8.70 10.70 -8.71
CA VAL A 149 7.88 11.91 -8.42
C VAL A 149 7.08 12.32 -9.68
N ILE A 150 7.65 12.21 -10.89
CA ILE A 150 6.92 12.55 -12.15
C ILE A 150 7.08 11.44 -13.18
N ASN A 151 5.98 11.12 -13.86
CA ASN A 151 5.91 10.03 -14.87
C ASN A 151 5.59 10.66 -16.22
N GLY A 152 6.07 10.02 -17.30
CA GLY A 152 5.75 10.41 -18.68
C GLY A 152 5.73 9.17 -19.56
N GLY A 153 6.03 9.32 -20.84
CA GLY A 153 6.05 8.24 -21.83
C GLY A 153 4.73 7.51 -21.82
N ALA A 154 4.76 6.19 -21.75
CA ALA A 154 3.55 5.32 -21.77
C ALA A 154 2.93 5.23 -20.37
N HIS A 155 3.51 5.89 -19.35
CA HIS A 155 3.01 5.96 -17.94
C HIS A 155 2.25 7.25 -17.66
N ALA A 156 1.78 7.97 -18.69
CA ALA A 156 1.15 9.30 -18.56
C ALA A 156 0.42 9.69 -19.84
N ASP A 157 -0.39 10.75 -19.73
CA ASP A 157 -1.05 11.47 -20.85
C ASP A 157 -0.44 12.89 -20.90
N ASN A 158 0.80 12.98 -21.36
CA ASN A 158 1.54 14.27 -21.42
C ASN A 158 2.54 14.21 -22.57
N ASN A 159 3.33 15.29 -22.72
CA ASN A 159 4.37 15.43 -23.77
C ASN A 159 5.78 15.30 -23.19
N VAL A 160 5.90 14.55 -22.09
CA VAL A 160 7.19 14.07 -21.53
C VAL A 160 7.50 12.72 -22.19
N ASP A 161 8.63 12.61 -22.87
CA ASP A 161 9.06 11.42 -23.64
C ASP A 161 9.61 10.34 -22.70
N PHE A 162 10.32 10.76 -21.64
CA PHE A 162 10.98 9.85 -20.69
C PHE A 162 9.94 9.34 -19.70
N GLN A 163 10.15 8.13 -19.20
CA GLN A 163 9.12 7.37 -18.43
C GLN A 163 9.04 7.89 -16.98
N GLU A 164 10.17 8.17 -16.33
CA GLU A 164 10.18 8.38 -14.87
C GLU A 164 11.29 9.40 -14.52
N PHE A 165 10.93 10.37 -13.66
CA PHE A 165 11.86 11.37 -13.08
C PHE A 165 11.85 11.12 -11.56
N MET A 166 13.04 10.95 -10.98
CA MET A 166 13.21 10.55 -9.57
C MET A 166 14.07 11.57 -8.83
N ILE A 167 13.88 11.65 -7.53
CA ILE A 167 14.81 12.36 -6.62
C ILE A 167 15.60 11.28 -5.88
N MET A 168 16.85 11.56 -5.54
CA MET A 168 17.73 10.68 -4.73
C MET A 168 18.37 11.53 -3.63
N PRO A 169 18.02 11.33 -2.35
CA PRO A 169 18.61 12.14 -1.28
C PRO A 169 20.02 11.62 -0.94
N VAL A 170 20.94 11.76 -1.90
CA VAL A 170 22.34 11.25 -1.80
C VAL A 170 23.06 11.91 -0.62
N GLY A 171 22.73 13.15 -0.26
CA GLY A 171 23.55 13.91 0.71
C GLY A 171 23.07 13.77 2.14
N ALA A 172 22.11 12.88 2.43
CA ALA A 172 21.50 12.72 3.78
C ALA A 172 22.46 11.97 4.70
N PRO A 173 22.50 12.29 6.03
CA PRO A 173 23.41 11.62 6.97
C PRO A 173 22.97 10.19 7.33
N SER A 174 21.72 9.85 7.02
CA SER A 174 21.15 8.54 7.42
C SER A 174 19.95 8.25 6.51
N PHE A 175 19.48 7.00 6.49
CA PHE A 175 18.26 6.65 5.73
C PHE A 175 17.03 7.36 6.31
N LYS A 176 16.90 7.39 7.62
CA LYS A 176 15.80 8.09 8.34
C LYS A 176 15.67 9.55 7.86
N GLU A 177 16.77 10.29 7.77
CA GLU A 177 16.77 11.67 7.21
C GLU A 177 16.50 11.63 5.69
N ALA A 178 17.09 10.69 4.96
CA ALA A 178 16.90 10.56 3.49
C ALA A 178 15.41 10.49 3.21
N LEU A 179 14.69 9.71 4.01
CA LEU A 179 13.24 9.46 3.81
C LEU A 179 12.48 10.76 4.05
N ARG A 180 12.79 11.46 5.15
CA ARG A 180 12.18 12.79 5.48
C ARG A 180 12.43 13.79 4.34
N TRP A 181 13.66 13.88 3.83
CA TRP A 181 14.01 14.78 2.69
C TRP A 181 13.14 14.42 1.47
N GLY A 182 13.07 13.16 1.11
CA GLY A 182 12.22 12.71 -0.03
C GLY A 182 10.77 13.11 0.17
N ALA A 183 10.22 12.81 1.33
CA ALA A 183 8.84 13.13 1.72
C ALA A 183 8.61 14.63 1.63
N GLU A 184 9.49 15.47 2.16
CA GLU A 184 9.27 16.94 2.17
C GLU A 184 9.27 17.45 0.73
N VAL A 185 10.19 16.93 -0.09
CA VAL A 185 10.23 17.33 -1.52
C VAL A 185 8.95 16.84 -2.22
N PHE A 186 8.45 15.65 -1.91
CA PHE A 186 7.23 15.12 -2.58
C PHE A 186 6.02 16.05 -2.28
N HIS A 187 5.85 16.46 -1.02
CA HIS A 187 4.71 17.31 -0.56
C HIS A 187 4.89 18.72 -1.12
N ALA A 188 6.12 19.23 -1.20
CA ALA A 188 6.38 20.54 -1.84
C ALA A 188 6.05 20.41 -3.34
N LEU A 189 6.32 19.25 -3.97
CA LEU A 189 5.95 19.04 -5.40
C LEU A 189 4.42 19.08 -5.56
N ALA A 190 3.70 18.37 -4.68
CA ALA A 190 2.23 18.29 -4.69
C ALA A 190 1.62 19.70 -4.62
N LYS A 191 2.14 20.54 -3.73
CA LYS A 191 1.68 21.94 -3.53
C LYS A 191 1.97 22.74 -4.81
N VAL A 192 3.14 22.57 -5.40
CA VAL A 192 3.51 23.30 -6.65
C VAL A 192 2.59 22.83 -7.80
N LEU A 193 2.29 21.52 -7.94
CA LEU A 193 1.34 21.03 -8.98
C LEU A 193 -0.05 21.64 -8.76
N LYS A 194 -0.58 21.59 -7.52
CA LYS A 194 -1.91 22.17 -7.17
C LYS A 194 -1.94 23.68 -7.42
N ASP A 195 -0.87 24.42 -7.10
CA ASP A 195 -0.82 25.91 -7.24
C ASP A 195 -0.88 26.30 -8.72
N LYS A 196 -0.28 25.48 -9.59
CA LYS A 196 -0.48 25.54 -11.06
C LYS A 196 -1.80 24.80 -11.27
N GLY A 197 -2.23 24.51 -12.49
CA GLY A 197 -3.55 23.87 -12.64
C GLY A 197 -3.50 22.34 -12.58
N LEU A 198 -2.43 21.73 -12.08
CA LEU A 198 -2.03 20.36 -12.54
C LEU A 198 -2.57 19.27 -11.61
N ALA A 199 -2.98 18.14 -12.21
CA ALA A 199 -3.58 16.94 -11.57
C ALA A 199 -2.63 16.38 -10.50
N THR A 200 -3.18 15.91 -9.39
CA THR A 200 -2.43 15.30 -8.26
C THR A 200 -2.89 13.85 -8.04
N GLY A 201 -3.70 13.27 -8.95
CA GLY A 201 -3.99 11.82 -8.95
C GLY A 201 -2.67 11.06 -9.11
N VAL A 202 -2.49 9.92 -8.44
CA VAL A 202 -1.18 9.19 -8.45
C VAL A 202 -1.30 7.93 -9.33
N GLY A 203 -0.21 7.56 -10.00
CA GLY A 203 -0.07 6.33 -10.79
C GLY A 203 0.39 5.18 -9.92
N ASP A 204 0.70 4.05 -10.57
CA ASP A 204 1.08 2.76 -9.95
C ASP A 204 2.08 2.96 -8.80
N GLU A 205 3.08 3.83 -8.98
CA GLU A 205 4.27 3.94 -8.11
C GLU A 205 4.04 5.00 -7.01
N GLY A 206 2.94 5.73 -7.05
CA GLY A 206 2.56 6.68 -6.00
C GLY A 206 3.00 8.11 -6.30
N GLY A 207 3.45 8.34 -7.53
CA GLY A 207 3.84 9.66 -8.03
C GLY A 207 2.81 10.27 -8.95
N PHE A 208 3.14 11.45 -9.50
CA PHE A 208 2.25 12.32 -10.28
C PHE A 208 2.59 12.17 -11.77
N ALA A 209 1.59 12.38 -12.62
CA ALA A 209 1.70 12.38 -14.10
C ALA A 209 0.98 13.62 -14.63
N PRO A 210 1.42 14.85 -14.26
CA PRO A 210 0.74 16.06 -14.71
C PRO A 210 0.95 16.25 -16.21
N ASN A 211 0.10 17.05 -16.85
CA ASN A 211 0.21 17.41 -18.28
C ASN A 211 1.36 18.42 -18.46
N LEU A 212 2.60 17.94 -18.52
CA LEU A 212 3.81 18.76 -18.80
C LEU A 212 4.15 18.65 -20.27
N GLY A 213 4.84 19.67 -20.79
CA GLY A 213 5.15 19.84 -22.22
C GLY A 213 6.47 19.21 -22.68
N SER A 214 7.38 18.79 -21.77
CA SER A 214 8.73 18.34 -22.15
C SER A 214 9.48 17.69 -20.98
N ASN A 215 10.55 16.95 -21.28
CA ASN A 215 11.45 16.39 -20.24
C ASN A 215 12.02 17.54 -19.42
N LYS A 216 12.47 18.60 -20.07
CA LYS A 216 13.07 19.76 -19.37
C LYS A 216 12.07 20.31 -18.35
N GLU A 217 10.79 20.43 -18.71
CA GLU A 217 9.74 20.95 -17.78
C GLU A 217 9.67 20.02 -16.55
N ALA A 218 9.68 18.70 -16.75
CA ALA A 218 9.74 17.73 -15.63
C ALA A 218 10.91 18.06 -14.71
N LEU A 219 12.12 18.18 -15.25
CA LEU A 219 13.34 18.32 -14.41
C LEU A 219 13.29 19.66 -13.66
N GLU A 220 12.79 20.71 -14.32
CA GLU A 220 12.72 22.09 -13.77
C GLU A 220 11.70 22.09 -12.63
N LEU A 221 10.67 21.27 -12.73
CA LEU A 221 9.63 21.11 -11.67
C LEU A 221 10.23 20.44 -10.43
N LEU A 222 11.05 19.39 -10.62
CA LEU A 222 11.73 18.71 -9.49
C LEU A 222 12.64 19.73 -8.81
N LEU A 223 13.37 20.53 -9.58
CA LEU A 223 14.33 21.51 -9.02
C LEU A 223 13.57 22.58 -8.22
N THR A 224 12.42 23.03 -8.72
CA THR A 224 11.47 23.94 -8.02
C THR A 224 11.01 23.34 -6.68
N ALA A 225 10.58 22.07 -6.70
CA ALA A 225 10.16 21.32 -5.50
C ALA A 225 11.32 21.21 -4.49
N ILE A 226 12.51 20.86 -4.93
CA ILE A 226 13.69 20.67 -4.04
C ILE A 226 14.00 22.01 -3.35
N GLU A 227 14.06 23.09 -4.12
CA GLU A 227 14.31 24.47 -3.66
C GLU A 227 13.21 24.86 -2.67
N ALA A 228 11.95 24.54 -2.99
CA ALA A 228 10.79 24.92 -2.14
C ALA A 228 10.90 24.20 -0.79
N ALA A 229 11.42 22.96 -0.75
CA ALA A 229 11.58 22.17 0.49
C ALA A 229 12.85 22.60 1.25
N GLY A 230 13.75 23.37 0.63
CA GLY A 230 14.95 23.96 1.27
C GLY A 230 16.22 23.14 1.07
N TYR A 231 16.29 22.28 0.05
CA TYR A 231 17.44 21.37 -0.20
C TYR A 231 18.25 21.88 -1.40
N LYS A 232 19.56 21.63 -1.39
CA LYS A 232 20.50 21.88 -2.51
C LYS A 232 20.34 20.78 -3.57
N PRO A 233 19.98 21.14 -4.82
CA PRO A 233 19.93 20.14 -5.89
C PRO A 233 21.37 19.61 -6.09
N GLY A 234 21.51 18.31 -6.33
CA GLY A 234 22.82 17.66 -6.58
C GLY A 234 23.40 17.12 -5.29
N GLU A 235 23.98 18.01 -4.46
CA GLU A 235 24.72 17.64 -3.23
C GLU A 235 23.73 16.99 -2.24
N GLN A 236 22.51 17.52 -2.08
CA GLN A 236 21.57 16.96 -1.06
C GLN A 236 20.54 16.05 -1.73
N VAL A 237 19.79 16.60 -2.67
CA VAL A 237 18.78 15.84 -3.45
C VAL A 237 19.17 15.98 -4.91
N ALA A 238 19.50 14.87 -5.52
CA ALA A 238 19.92 14.82 -6.93
C ALA A 238 18.78 14.22 -7.72
N LEU A 239 18.89 14.22 -9.04
CA LEU A 239 17.83 13.72 -9.94
C LEU A 239 18.31 12.44 -10.59
N ALA A 240 17.37 11.65 -11.05
CA ALA A 240 17.65 10.42 -11.81
C ALA A 240 16.48 10.25 -12.77
N MET A 241 16.72 9.51 -13.84
CA MET A 241 15.71 9.37 -14.90
C MET A 241 15.68 7.90 -15.26
N ASP A 242 14.50 7.40 -15.51
CA ASP A 242 14.34 6.17 -16.32
C ASP A 242 13.86 6.65 -17.68
N VAL A 243 14.72 6.60 -18.67
CA VAL A 243 14.39 7.03 -20.05
C VAL A 243 13.44 6.00 -20.71
N ALA A 244 13.56 4.73 -20.36
CA ALA A 244 12.86 3.62 -21.06
C ALA A 244 12.89 3.89 -22.57
N SER A 245 14.08 4.13 -23.10
CA SER A 245 14.30 4.56 -24.50
C SER A 245 13.66 3.53 -25.48
N SER A 246 13.53 2.26 -25.10
CA SER A 246 12.99 1.19 -25.99
C SER A 246 11.58 1.53 -26.45
N GLU A 247 10.89 2.39 -25.68
CA GLU A 247 9.47 2.77 -25.93
C GLU A 247 9.36 3.78 -27.08
N PHE A 248 10.38 4.60 -27.38
CA PHE A 248 10.34 5.59 -28.50
C PHE A 248 11.43 5.29 -29.54
N TYR A 249 11.87 4.04 -29.62
CA TYR A 249 12.89 3.59 -30.59
C TYR A 249 12.21 2.79 -31.71
N LYS A 250 12.50 3.18 -32.96
CA LYS A 250 12.06 2.47 -34.18
C LYS A 250 13.22 2.52 -35.19
N ASN A 251 13.70 1.32 -35.56
CA ASN A 251 14.63 1.07 -36.69
C ASN A 251 15.84 2.01 -36.63
N GLY A 252 16.54 2.04 -35.50
CA GLY A 252 17.80 2.79 -35.31
C GLY A 252 17.58 4.26 -34.94
N LEU A 253 16.33 4.71 -34.84
CA LEU A 253 15.99 6.13 -34.57
C LEU A 253 15.20 6.23 -33.26
N TYR A 254 15.56 7.23 -32.46
CA TYR A 254 14.91 7.57 -31.17
C TYR A 254 14.08 8.82 -31.37
N THR A 255 12.79 8.77 -31.06
CA THR A 255 11.87 9.93 -31.22
C THR A 255 11.76 10.63 -29.86
N CYS A 256 12.21 11.86 -29.74
CA CYS A 256 12.35 12.58 -28.45
C CYS A 256 12.29 14.08 -28.70
N ASP A 257 11.55 14.85 -27.90
CA ASP A 257 11.33 16.31 -28.09
C ASP A 257 10.75 16.58 -29.50
N GLY A 258 9.92 15.68 -30.02
CA GLY A 258 9.18 15.82 -31.30
C GLY A 258 9.98 15.43 -32.54
N VAL A 259 11.31 15.21 -32.41
CA VAL A 259 12.28 15.01 -33.54
C VAL A 259 12.78 13.55 -33.51
N SER A 260 12.96 12.92 -34.68
CA SER A 260 13.68 11.63 -34.84
C SER A 260 15.18 11.88 -34.69
N HIS A 261 15.88 11.14 -33.83
CA HIS A 261 17.35 11.22 -33.63
C HIS A 261 18.03 9.90 -34.02
N GLU A 262 19.18 10.03 -34.67
CA GLU A 262 20.26 9.01 -34.74
C GLU A 262 20.79 8.74 -33.32
N PRO A 263 21.35 7.53 -33.06
CA PRO A 263 21.88 7.22 -31.74
C PRO A 263 22.75 8.32 -31.12
N ALA A 264 23.58 8.99 -31.94
CA ALA A 264 24.53 10.04 -31.49
C ALA A 264 23.74 11.28 -31.02
N GLY A 265 22.60 11.57 -31.67
CA GLY A 265 21.64 12.60 -31.27
C GLY A 265 21.04 12.27 -29.91
N MET A 266 20.62 11.01 -29.70
CA MET A 266 20.01 10.57 -28.42
C MET A 266 21.05 10.78 -27.32
N ILE A 267 22.28 10.37 -27.60
CA ILE A 267 23.42 10.47 -26.64
C ILE A 267 23.68 11.95 -26.30
N GLY A 268 23.67 12.82 -27.31
CA GLY A 268 23.83 14.27 -27.15
C GLY A 268 22.71 14.87 -26.31
N ILE A 269 21.47 14.41 -26.48
CA ILE A 269 20.33 14.85 -25.62
C ILE A 269 20.66 14.51 -24.15
N LEU A 270 21.09 13.27 -23.91
CA LEU A 270 21.41 12.81 -22.54
C LEU A 270 22.59 13.63 -21.98
N ALA A 271 23.59 13.90 -22.81
CA ALA A 271 24.81 14.66 -22.44
C ALA A 271 24.42 16.10 -22.05
N ASP A 272 23.58 16.73 -22.85
CA ASP A 272 23.15 18.14 -22.65
C ASP A 272 22.38 18.21 -21.33
N LEU A 273 21.46 17.27 -21.10
CA LEU A 273 20.66 17.23 -19.85
C LEU A 273 21.61 17.12 -18.65
N VAL A 274 22.56 16.21 -18.72
CA VAL A 274 23.54 15.98 -17.63
C VAL A 274 24.36 17.27 -17.37
N SER A 275 24.77 17.99 -18.41
CA SER A 275 25.69 19.14 -18.22
C SER A 275 24.88 20.32 -17.63
N GLN A 276 23.56 20.33 -17.82
CA GLN A 276 22.67 21.40 -17.31
C GLN A 276 22.09 21.07 -15.92
N TYR A 277 21.65 19.83 -15.70
CA TYR A 277 20.83 19.39 -14.53
C TYR A 277 21.60 18.43 -13.63
N PRO A 278 21.40 18.48 -12.29
CA PRO A 278 22.14 17.57 -11.39
C PRO A 278 21.55 16.14 -11.43
N ILE A 279 21.67 15.52 -12.61
CA ILE A 279 21.22 14.13 -12.90
C ILE A 279 22.39 13.21 -12.54
N VAL A 280 22.22 12.27 -11.60
CA VAL A 280 23.30 11.35 -11.17
C VAL A 280 23.06 9.95 -11.75
N SER A 281 21.92 9.67 -12.34
CA SER A 281 21.64 8.30 -12.85
C SER A 281 20.69 8.38 -14.02
N ILE A 282 20.90 7.53 -15.02
CA ILE A 282 20.03 7.43 -16.21
C ILE A 282 19.84 5.96 -16.50
N GLU A 283 18.59 5.54 -16.54
CA GLU A 283 18.26 4.11 -16.67
C GLU A 283 17.73 3.94 -18.09
N ASP A 284 18.20 2.92 -18.81
CA ASP A 284 17.75 2.59 -20.17
C ASP A 284 17.82 3.81 -21.09
N GLY A 285 18.91 4.57 -21.04
CA GLY A 285 19.14 5.78 -21.87
C GLY A 285 19.12 5.48 -23.36
N LEU A 286 19.51 4.25 -23.73
CA LEU A 286 19.44 3.71 -25.11
C LEU A 286 18.77 2.34 -25.09
N GLN A 287 18.35 1.82 -26.25
CA GLN A 287 17.37 0.69 -26.19
C GLN A 287 18.16 -0.57 -25.88
N GLU A 288 17.40 -1.58 -25.47
CA GLU A 288 17.85 -2.80 -24.79
C GLU A 288 18.79 -3.65 -25.66
N ASP A 289 18.90 -3.44 -26.97
CA ASP A 289 19.80 -4.21 -27.89
C ASP A 289 20.80 -3.29 -28.65
N ASP A 290 20.88 -1.99 -28.30
CA ASP A 290 21.75 -1.00 -28.99
C ASP A 290 23.11 -0.94 -28.30
N TRP A 291 23.81 -2.07 -28.27
CA TRP A 291 25.06 -2.29 -27.49
C TRP A 291 26.20 -1.36 -27.95
N SER A 292 26.40 -1.25 -29.26
CA SER A 292 27.50 -0.42 -29.83
C SER A 292 27.34 1.03 -29.36
N ASN A 293 26.13 1.57 -29.37
CA ASN A 293 25.89 2.97 -28.92
C ASN A 293 25.91 3.08 -27.38
N TRP A 294 25.50 2.04 -26.65
CA TRP A 294 25.67 1.95 -25.16
C TRP A 294 27.16 2.08 -24.81
N LYS A 295 28.01 1.39 -25.56
CA LYS A 295 29.49 1.51 -25.48
C LYS A 295 29.87 3.00 -25.52
N THR A 296 29.44 3.72 -26.56
CA THR A 296 29.75 5.17 -26.77
C THR A 296 29.23 5.96 -25.56
N LEU A 297 27.97 5.75 -25.21
CA LEU A 297 27.31 6.43 -24.06
C LEU A 297 28.15 6.20 -22.80
N THR A 298 28.57 4.96 -22.58
CA THR A 298 29.34 4.57 -21.37
C THR A 298 30.73 5.24 -21.41
N GLN A 299 31.41 5.24 -22.55
CA GLN A 299 32.75 5.90 -22.68
C GLN A 299 32.60 7.40 -22.40
N GLN A 300 31.50 7.99 -22.85
CA GLN A 300 31.30 9.45 -22.84
C GLN A 300 30.83 9.89 -21.44
N LEU A 301 29.85 9.20 -20.83
CA LEU A 301 29.17 9.73 -19.63
C LEU A 301 29.47 8.88 -18.39
N GLY A 302 29.88 7.62 -18.60
CA GLY A 302 30.02 6.59 -17.56
C GLY A 302 30.94 7.01 -16.43
N SER A 303 31.91 7.90 -16.69
CA SER A 303 32.80 8.44 -15.63
C SER A 303 32.00 9.24 -14.59
N THR A 304 31.00 10.01 -15.01
CA THR A 304 30.41 11.08 -14.16
C THR A 304 28.98 10.74 -13.72
N VAL A 305 28.29 9.84 -14.44
CA VAL A 305 26.86 9.52 -14.22
C VAL A 305 26.66 8.00 -14.20
N GLN A 306 25.79 7.53 -13.33
CA GLN A 306 25.44 6.11 -13.31
C GLN A 306 24.55 5.81 -14.52
N LEU A 307 24.86 4.74 -15.23
CA LEU A 307 24.12 4.31 -16.44
C LEU A 307 23.54 2.95 -16.14
N VAL A 308 22.24 2.89 -15.80
CA VAL A 308 21.56 1.66 -15.31
C VAL A 308 20.94 0.92 -16.52
N GLY A 309 21.26 -0.35 -16.67
CA GLY A 309 20.52 -1.28 -17.53
C GLY A 309 19.36 -1.88 -16.74
N ASP A 310 18.13 -1.72 -17.23
CA ASP A 310 16.94 -2.47 -16.76
C ASP A 310 16.53 -3.43 -17.87
N ASP A 311 15.83 -2.95 -18.91
CA ASP A 311 15.51 -3.73 -20.14
C ASP A 311 16.82 -4.26 -20.76
N LEU A 312 17.92 -3.53 -20.58
CA LEU A 312 19.25 -3.88 -21.15
C LEU A 312 19.71 -5.25 -20.62
N PHE A 313 19.51 -5.48 -19.31
CA PHE A 313 20.08 -6.62 -18.58
C PHE A 313 19.02 -7.64 -18.16
N VAL A 314 17.78 -7.22 -17.90
CA VAL A 314 16.65 -8.09 -17.46
C VAL A 314 17.12 -9.03 -16.32
N THR A 315 17.92 -8.50 -15.40
CA THR A 315 18.44 -9.25 -14.23
C THR A 315 19.00 -10.61 -14.68
N ASN A 316 19.72 -10.62 -15.79
CA ASN A 316 20.18 -11.87 -16.45
C ASN A 316 21.72 -11.93 -16.39
N PRO A 317 22.30 -12.98 -15.75
CA PRO A 317 23.76 -13.13 -15.69
C PRO A 317 24.47 -13.08 -17.05
N ASP A 318 23.94 -13.77 -18.10
CA ASP A 318 24.55 -13.82 -19.45
C ASP A 318 24.59 -12.41 -20.05
N ARG A 319 23.46 -11.70 -20.07
CA ARG A 319 23.35 -10.32 -20.59
C ARG A 319 24.25 -9.41 -19.78
N LEU A 320 24.28 -9.52 -18.45
CA LEU A 320 25.16 -8.65 -17.64
C LEU A 320 26.63 -8.95 -17.97
N GLN A 321 26.96 -10.23 -18.17
CA GLN A 321 28.35 -10.68 -18.53
C GLN A 321 28.75 -9.97 -19.84
N SER A 322 27.91 -9.99 -20.87
CA SER A 322 28.21 -9.33 -22.17
C SER A 322 28.43 -7.84 -21.94
N GLY A 323 27.58 -7.20 -21.13
CA GLY A 323 27.68 -5.79 -20.78
C GLY A 323 29.01 -5.48 -20.12
N ILE A 324 29.43 -6.30 -19.16
CA ILE A 324 30.74 -6.16 -18.47
C ILE A 324 31.88 -6.30 -19.49
N GLU A 325 31.84 -7.32 -20.37
CA GLU A 325 32.87 -7.58 -21.43
C GLU A 325 32.98 -6.39 -22.40
N GLN A 326 31.88 -5.70 -22.70
CA GLN A 326 31.87 -4.61 -23.72
C GLN A 326 31.99 -3.22 -23.11
N GLY A 327 32.18 -3.04 -21.80
CA GLY A 327 32.16 -1.70 -21.17
C GLY A 327 30.83 -0.99 -21.43
N VAL A 328 29.72 -1.68 -21.17
CA VAL A 328 28.31 -1.24 -21.43
C VAL A 328 27.60 -1.11 -20.08
N GLY A 329 27.13 0.08 -19.77
CA GLY A 329 26.52 0.39 -18.48
C GLY A 329 27.54 0.43 -17.36
N ASN A 330 27.08 0.80 -16.16
CA ASN A 330 27.88 0.60 -14.94
C ASN A 330 26.96 0.28 -13.75
N ALA A 331 25.68 -0.04 -14.00
CA ALA A 331 24.71 -0.44 -12.96
C ALA A 331 23.63 -1.33 -13.59
N VAL A 332 22.94 -2.07 -12.75
CA VAL A 332 21.92 -3.06 -13.18
C VAL A 332 20.74 -2.97 -12.20
N LEU A 333 19.53 -2.87 -12.77
CA LEU A 333 18.26 -2.94 -12.01
C LEU A 333 17.96 -4.42 -11.69
N ILE A 334 17.81 -4.71 -10.41
CA ILE A 334 17.65 -6.10 -9.91
C ILE A 334 16.19 -6.35 -9.56
N LYS A 335 15.58 -7.20 -10.38
CA LYS A 335 14.17 -7.59 -10.25
C LYS A 335 14.11 -9.11 -10.00
N LEU A 336 13.86 -9.51 -8.76
CA LEU A 336 13.73 -10.91 -8.31
C LEU A 336 12.89 -11.73 -9.29
N ASN A 337 11.76 -11.18 -9.76
CA ASN A 337 10.74 -11.98 -10.49
C ASN A 337 11.05 -11.98 -12.00
N GLN A 338 12.06 -11.25 -12.45
CA GLN A 338 12.61 -11.31 -13.82
C GLN A 338 13.45 -12.58 -13.97
N ILE A 339 14.03 -13.10 -12.88
CA ILE A 339 14.85 -14.34 -12.95
C ILE A 339 14.19 -15.49 -12.18
N GLY A 340 13.52 -15.24 -11.05
CA GLY A 340 12.52 -16.16 -10.48
C GLY A 340 12.98 -16.96 -9.27
N THR A 341 14.25 -16.88 -8.83
CA THR A 341 14.68 -17.45 -7.53
C THR A 341 15.53 -16.43 -6.78
N LEU A 342 15.57 -16.53 -5.46
CA LEU A 342 16.44 -15.67 -4.62
C LEU A 342 17.90 -15.98 -4.99
N THR A 343 18.23 -17.26 -5.15
CA THR A 343 19.62 -17.73 -5.46
C THR A 343 20.13 -17.03 -6.73
N GLU A 344 19.42 -17.17 -7.84
CA GLU A 344 19.86 -16.61 -9.15
C GLU A 344 19.94 -15.08 -9.03
N THR A 345 19.06 -14.45 -8.24
CA THR A 345 19.10 -13.00 -7.99
C THR A 345 20.41 -12.67 -7.25
N LEU A 346 20.76 -13.45 -6.22
CA LEU A 346 22.03 -13.24 -5.50
C LEU A 346 23.24 -13.47 -6.42
N ARG A 347 23.20 -14.48 -7.30
CA ARG A 347 24.30 -14.74 -8.28
C ARG A 347 24.47 -13.51 -9.18
N THR A 348 23.36 -12.90 -9.61
CA THR A 348 23.39 -11.73 -10.52
C THR A 348 23.97 -10.53 -9.76
N ILE A 349 23.52 -10.29 -8.55
CA ILE A 349 24.08 -9.19 -7.70
C ILE A 349 25.58 -9.42 -7.51
N ASP A 350 26.01 -10.67 -7.30
CA ASP A 350 27.45 -10.99 -7.03
C ASP A 350 28.27 -10.67 -8.29
N LEU A 351 27.83 -11.18 -9.44
CA LEU A 351 28.46 -10.84 -10.74
C LEU A 351 28.59 -9.30 -10.89
N ALA A 352 27.53 -8.55 -10.64
CA ALA A 352 27.54 -7.09 -10.80
C ALA A 352 28.55 -6.49 -9.82
N THR A 353 28.55 -6.96 -8.57
CA THR A 353 29.35 -6.38 -7.46
C THR A 353 30.83 -6.54 -7.81
N ARG A 354 31.25 -7.75 -8.21
CA ARG A 354 32.69 -8.07 -8.31
C ARG A 354 33.23 -7.57 -9.64
N SER A 355 32.35 -7.06 -10.51
CA SER A 355 32.70 -6.41 -11.80
C SER A 355 32.65 -4.88 -11.68
N GLY A 356 32.45 -4.35 -10.47
CA GLY A 356 32.41 -2.89 -10.19
C GLY A 356 31.13 -2.20 -10.70
N TYR A 357 30.07 -2.96 -11.03
CA TYR A 357 28.71 -2.40 -11.30
C TYR A 357 27.94 -2.23 -9.99
N ARG A 358 27.06 -1.23 -9.94
CA ARG A 358 26.11 -0.99 -8.83
C ARG A 358 24.86 -1.82 -9.09
N SER A 359 24.35 -2.42 -8.03
CA SER A 359 23.06 -3.14 -8.00
C SER A 359 22.03 -2.20 -7.38
N VAL A 360 21.01 -1.86 -8.16
CA VAL A 360 19.82 -1.09 -7.71
C VAL A 360 18.69 -2.10 -7.57
N ILE A 361 18.30 -2.39 -6.32
CA ILE A 361 17.24 -3.40 -6.04
C ILE A 361 15.89 -2.73 -6.32
N SER A 362 15.04 -3.40 -7.10
CA SER A 362 13.88 -2.75 -7.76
C SER A 362 12.56 -3.40 -7.38
N HIS A 363 11.54 -2.56 -7.27
CA HIS A 363 10.12 -2.97 -7.24
C HIS A 363 9.67 -3.37 -8.65
N ARG A 364 8.42 -3.80 -8.76
CA ARG A 364 7.67 -3.83 -10.03
C ARG A 364 6.53 -2.83 -9.90
N SER A 365 5.88 -2.49 -11.02
CA SER A 365 4.70 -1.60 -11.08
C SER A 365 3.61 -2.16 -10.18
N GLY A 366 3.38 -3.47 -10.28
CA GLY A 366 2.50 -4.22 -9.38
C GLY A 366 3.28 -4.70 -8.17
N GLU A 367 3.11 -4.05 -7.02
CA GLU A 367 3.76 -4.48 -5.77
C GLU A 367 2.73 -5.04 -4.79
N THR A 368 3.22 -5.47 -3.62
CA THR A 368 2.45 -6.05 -2.50
C THR A 368 3.02 -5.51 -1.18
N GLU A 369 2.48 -6.03 -0.09
CA GLU A 369 2.79 -5.66 1.32
C GLU A 369 4.11 -6.33 1.70
N ASP A 370 4.66 -7.20 0.82
CA ASP A 370 6.01 -7.82 0.98
C ASP A 370 7.11 -6.74 1.05
N THR A 371 8.15 -6.92 1.86
CA THR A 371 9.22 -5.90 2.03
C THR A 371 10.59 -6.53 1.80
N THR A 372 10.63 -7.70 1.16
CA THR A 372 11.86 -8.51 0.97
C THR A 372 12.97 -7.66 0.36
N ILE A 373 12.64 -6.81 -0.60
CA ILE A 373 13.67 -6.07 -1.35
C ILE A 373 14.36 -5.08 -0.38
N ALA A 374 13.73 -4.63 0.70
CA ALA A 374 14.42 -3.77 1.70
C ALA A 374 15.57 -4.59 2.29
N ASP A 375 15.25 -5.81 2.79
CA ASP A 375 16.24 -6.74 3.36
C ASP A 375 17.28 -7.16 2.30
N LEU A 376 16.86 -7.46 1.06
CA LEU A 376 17.80 -7.86 -0.03
C LEU A 376 18.81 -6.74 -0.27
N ALA A 377 18.36 -5.49 -0.35
CA ALA A 377 19.24 -4.30 -0.49
C ALA A 377 20.26 -4.25 0.62
N VAL A 378 19.86 -4.42 1.88
CA VAL A 378 20.82 -4.24 3.01
C VAL A 378 21.79 -5.44 3.06
N ALA A 379 21.26 -6.66 2.82
CA ALA A 379 22.00 -7.93 2.87
C ALA A 379 23.18 -7.92 1.89
N THR A 380 22.98 -7.41 0.67
CA THR A 380 23.99 -7.42 -0.43
C THR A 380 24.78 -6.11 -0.45
N ARG A 381 24.52 -5.20 0.49
CA ARG A 381 25.17 -3.86 0.53
C ARG A 381 25.04 -3.20 -0.84
N ALA A 382 23.90 -3.39 -1.52
CA ALA A 382 23.66 -2.87 -2.89
C ALA A 382 23.85 -1.36 -2.91
N GLY A 383 23.38 -0.65 -1.88
CA GLY A 383 23.58 0.81 -1.70
C GLY A 383 22.50 1.63 -2.41
N GLN A 384 21.65 1.00 -3.25
CA GLN A 384 20.53 1.70 -3.92
C GLN A 384 19.27 0.81 -3.97
N ILE A 385 18.11 1.44 -3.84
CA ILE A 385 16.78 0.75 -3.94
C ILE A 385 15.87 1.64 -4.77
N LYS A 386 15.08 1.02 -5.66
CA LYS A 386 14.02 1.69 -6.45
C LYS A 386 12.70 1.05 -6.07
N THR A 387 11.89 1.75 -5.29
CA THR A 387 10.65 1.16 -4.72
C THR A 387 9.49 2.15 -4.76
N GLY A 388 9.54 3.13 -5.66
CA GLY A 388 8.41 4.04 -5.97
C GLY A 388 8.49 5.39 -5.28
N SER A 389 7.35 6.08 -5.18
CA SER A 389 7.24 7.47 -4.70
C SER A 389 7.14 7.51 -3.16
N LEU A 390 6.61 8.59 -2.63
CA LEU A 390 6.34 8.84 -1.18
C LEU A 390 4.83 8.71 -0.90
N SER A 391 4.11 7.86 -1.65
CA SER A 391 2.71 7.49 -1.35
C SER A 391 2.43 6.06 -1.82
N ARG A 392 1.42 5.41 -1.22
CA ARG A 392 0.92 4.03 -1.48
C ARG A 392 1.77 3.08 -0.66
N SER A 393 1.18 2.27 0.22
CA SER A 393 1.95 1.53 1.24
C SER A 393 2.69 0.33 0.62
N GLU A 394 2.36 -0.13 -0.61
CA GLU A 394 3.21 -1.17 -1.25
C GLU A 394 4.59 -0.55 -1.53
N ARG A 395 4.67 0.78 -1.51
CA ARG A 395 5.95 1.51 -1.65
C ARG A 395 6.43 1.91 -0.26
N ILE A 396 5.59 2.61 0.52
CA ILE A 396 6.00 3.12 1.87
C ILE A 396 6.44 1.96 2.75
N ALA A 397 5.86 0.75 2.59
CA ALA A 397 6.17 -0.40 3.47
C ALA A 397 7.65 -0.74 3.39
N LYS A 398 8.29 -0.54 2.23
CA LYS A 398 9.72 -0.85 2.07
C LYS A 398 10.55 0.19 2.85
N TYR A 399 10.17 1.47 2.78
CA TYR A 399 10.83 2.53 3.56
C TYR A 399 10.66 2.23 5.03
N ASN A 400 9.45 1.82 5.46
CA ASN A 400 9.18 1.50 6.89
C ASN A 400 10.08 0.34 7.30
N ARG A 401 10.21 -0.68 6.44
CA ARG A 401 11.09 -1.83 6.74
C ARG A 401 12.52 -1.33 6.95
N LEU A 402 13.02 -0.47 6.07
CA LEU A 402 14.39 0.07 6.15
C LEU A 402 14.57 0.92 7.40
N LEU A 403 13.56 1.66 7.86
CA LEU A 403 13.59 2.36 9.18
C LEU A 403 13.84 1.33 10.30
N ARG A 404 13.19 0.17 10.20
CA ARG A 404 13.23 -0.90 11.24
C ARG A 404 14.63 -1.51 11.20
N ILE A 405 15.16 -1.77 10.02
CA ILE A 405 16.51 -2.35 9.86
C ILE A 405 17.54 -1.34 10.38
N GLU A 406 17.41 -0.08 10.04
CA GLU A 406 18.37 0.97 10.47
C GLU A 406 18.36 1.08 12.00
N ALA A 407 17.19 1.04 12.64
CA ALA A 407 17.06 1.10 14.13
C ALA A 407 17.69 -0.12 14.78
N ALA A 408 17.47 -1.33 14.24
CA ALA A 408 18.02 -2.59 14.79
C ALA A 408 19.56 -2.59 14.63
N LEU A 409 20.10 -2.01 13.55
CA LEU A 409 21.57 -1.92 13.32
C LEU A 409 22.22 -0.93 14.30
N GLY A 410 21.49 0.02 14.89
CA GLY A 410 22.02 0.96 15.90
C GLY A 410 23.24 1.68 15.36
N GLU A 411 24.33 1.70 16.12
CA GLU A 411 25.60 2.39 15.76
C GLU A 411 26.28 1.68 14.57
N ASN A 412 25.83 0.50 14.16
CA ASN A 412 26.43 -0.24 13.01
C ASN A 412 25.83 0.22 11.68
N ALA A 413 24.75 1.00 11.69
CA ALA A 413 24.04 1.40 10.45
C ALA A 413 24.87 2.41 9.66
N LEU A 414 25.10 2.11 8.38
CA LEU A 414 25.71 3.06 7.42
C LEU A 414 24.69 3.45 6.35
N TYR A 415 24.74 4.70 5.89
CA TYR A 415 23.95 5.18 4.73
C TYR A 415 24.86 5.18 3.49
N ALA A 416 24.45 4.48 2.43
CA ALA A 416 25.24 4.31 1.19
C ALA A 416 25.71 5.67 0.69
N GLY A 417 24.88 6.70 0.81
CA GLY A 417 25.15 8.04 0.25
C GLY A 417 26.35 8.72 0.90
N ALA A 418 26.68 8.41 2.16
CA ALA A 418 27.75 9.05 2.98
C ALA A 418 29.08 8.27 2.90
N ILE A 419 29.06 7.02 2.40
CA ILE A 419 30.25 6.11 2.41
C ILE A 419 30.60 5.70 0.98
N GLY A 420 30.10 6.41 -0.03
CA GLY A 420 30.48 6.17 -1.44
C GLY A 420 29.88 4.89 -1.99
N LEU A 421 28.73 4.43 -1.47
CA LEU A 421 28.03 3.24 -2.03
C LEU A 421 26.74 3.63 -2.78
N GLY A 422 26.45 4.94 -2.89
CA GLY A 422 25.32 5.47 -3.66
C GLY A 422 25.64 5.50 -5.15
N PRO A 423 24.85 6.24 -5.97
CA PRO A 423 25.11 6.32 -7.41
C PRO A 423 26.48 6.91 -7.78
N LYS A 424 27.10 6.35 -8.83
CA LYS A 424 28.47 6.64 -9.36
C LYS A 424 28.59 6.00 -10.76
N TYR B 1 3.42 -15.64 33.74
CA TYR B 1 4.68 -14.84 33.63
C TYR B 1 5.01 -14.63 32.14
N GLY B 2 4.90 -15.69 31.32
CA GLY B 2 5.17 -15.70 29.87
C GLY B 2 4.46 -14.59 29.09
N THR B 3 3.25 -14.18 29.52
CA THR B 3 2.43 -13.18 28.80
C THR B 3 2.64 -11.80 29.41
N GLN B 4 3.54 -11.66 30.38
CA GLN B 4 3.86 -10.32 30.93
C GLN B 4 4.52 -9.47 29.84
N ILE B 5 4.20 -8.19 29.76
CA ILE B 5 4.94 -7.23 28.89
C ILE B 5 6.36 -7.06 29.45
N ALA B 6 7.35 -7.24 28.58
CA ALA B 6 8.80 -7.06 28.84
C ALA B 6 9.28 -5.75 28.21
N GLU B 7 8.77 -5.40 27.02
CA GLU B 7 9.30 -4.24 26.23
C GLU B 7 8.18 -3.63 25.39
N ILE B 8 8.09 -2.29 25.40
CA ILE B 8 7.27 -1.53 24.43
C ILE B 8 8.18 -0.45 23.83
N THR B 9 8.36 -0.54 22.51
CA THR B 9 9.12 0.44 21.68
C THR B 9 8.16 1.07 20.67
N ALA B 10 8.33 2.35 20.34
CA ALA B 10 7.59 3.05 19.27
C ALA B 10 8.58 3.68 18.28
N ARG B 11 8.15 3.95 17.06
CA ARG B 11 9.00 4.55 16.00
C ARG B 11 8.09 5.43 15.15
N GLU B 12 8.65 6.48 14.59
CA GLU B 12 8.04 7.34 13.56
C GLU B 12 8.21 6.66 12.20
N ILE B 13 7.11 6.28 11.55
CA ILE B 13 7.11 5.66 10.20
C ILE B 13 6.27 6.55 9.31
N LEU B 14 5.99 6.13 8.08
CA LEU B 14 5.12 6.93 7.17
C LEU B 14 3.85 6.15 6.85
N ASP B 15 2.77 6.89 6.68
CA ASP B 15 1.47 6.33 6.25
C ASP B 15 1.43 6.31 4.71
N SER B 16 0.30 5.89 4.17
CA SER B 16 0.11 5.68 2.72
C SER B 16 0.16 7.03 2.00
N ARG B 17 0.13 8.15 2.72
CA ARG B 17 0.21 9.50 2.06
C ARG B 17 1.62 10.09 2.21
N GLY B 18 2.58 9.36 2.77
CA GLY B 18 3.93 9.91 3.03
C GLY B 18 3.88 10.90 4.16
N ARG B 19 3.02 10.67 5.14
CA ARG B 19 2.98 11.50 6.38
C ARG B 19 3.39 10.65 7.57
N PRO B 20 4.08 11.25 8.57
CA PRO B 20 4.48 10.53 9.77
C PRO B 20 3.26 9.94 10.50
N THR B 21 3.43 8.76 11.06
CA THR B 21 2.45 8.13 11.98
C THR B 21 3.25 7.28 12.96
N VAL B 22 2.57 6.65 13.92
CA VAL B 22 3.23 5.88 15.02
C VAL B 22 3.09 4.39 14.77
N GLU B 23 4.16 3.64 15.02
CA GLU B 23 4.10 2.18 15.23
C GLU B 23 4.71 1.87 16.60
N ALA B 24 4.16 0.82 17.20
CA ALA B 24 4.59 0.27 18.49
C ALA B 24 4.88 -1.22 18.29
N GLU B 25 5.89 -1.65 19.03
CA GLU B 25 6.41 -3.02 19.13
C GLU B 25 6.28 -3.40 20.60
N VAL B 26 5.52 -4.46 20.87
CA VAL B 26 5.33 -5.03 22.24
C VAL B 26 5.94 -6.43 22.24
N HIS B 27 6.91 -6.64 23.15
CA HIS B 27 7.55 -7.97 23.41
C HIS B 27 7.06 -8.49 24.76
N LEU B 28 6.70 -9.75 24.81
CA LEU B 28 6.35 -10.46 26.07
C LEU B 28 7.53 -11.32 26.55
N GLU B 29 7.51 -11.77 27.80
CA GLU B 29 8.61 -12.55 28.41
C GLU B 29 8.79 -13.84 27.61
N ASP B 30 7.72 -14.41 27.04
CA ASP B 30 7.79 -15.68 26.26
C ASP B 30 8.33 -15.41 24.84
N GLY B 31 8.68 -14.16 24.51
CA GLY B 31 9.31 -13.79 23.22
C GLY B 31 8.32 -13.42 22.13
N SER B 32 7.02 -13.55 22.38
CA SER B 32 5.92 -13.02 21.52
C SER B 32 6.13 -11.53 21.24
N VAL B 33 6.02 -11.18 19.96
CA VAL B 33 6.15 -9.79 19.43
C VAL B 33 4.83 -9.39 18.77
N GLY B 34 4.29 -8.27 19.19
CA GLY B 34 3.17 -7.59 18.52
C GLY B 34 3.66 -6.30 17.93
N LEU B 35 3.29 -6.07 16.68
CA LEU B 35 3.63 -4.85 15.91
C LEU B 35 2.36 -4.32 15.26
N ALA B 36 2.08 -3.03 15.48
CA ALA B 36 0.89 -2.33 14.98
C ALA B 36 1.26 -0.92 14.52
N GLN B 37 0.58 -0.46 13.46
CA GLN B 37 0.67 0.93 12.94
C GLN B 37 -0.70 1.59 13.08
N VAL B 38 -0.68 2.91 13.25
CA VAL B 38 -1.85 3.78 13.53
C VAL B 38 -2.19 4.53 12.25
N PRO B 39 -3.45 4.52 11.78
CA PRO B 39 -3.81 5.33 10.63
C PRO B 39 -4.03 6.79 11.07
N SER B 40 -4.37 7.63 10.09
CA SER B 40 -4.69 9.07 10.27
C SER B 40 -5.60 9.56 9.13
N GLY B 41 -6.60 10.36 9.46
CA GLY B 41 -7.42 11.14 8.49
C GLY B 41 -7.75 12.50 9.08
N ALA B 42 -8.42 13.37 8.32
CA ALA B 42 -8.81 14.75 8.75
C ALA B 42 -9.81 14.66 9.93
N SER B 43 -9.48 15.26 11.07
CA SER B 43 -10.31 15.21 12.32
C SER B 43 -11.66 15.91 12.07
N THR B 44 -12.75 15.43 12.69
CA THR B 44 -14.14 15.99 12.57
C THR B 44 -14.42 16.99 13.71
N GLY B 45 -13.63 17.00 14.78
CA GLY B 45 -13.72 18.02 15.85
C GLY B 45 -13.77 17.42 17.25
N THR B 46 -14.78 17.81 18.05
CA THR B 46 -14.82 17.82 19.55
C THR B 46 -14.56 16.44 20.19
N PHE B 47 -15.22 15.40 19.65
CA PHE B 47 -15.35 14.05 20.27
C PHE B 47 -14.31 13.09 19.66
N GLU B 48 -13.55 13.52 18.64
CA GLU B 48 -12.44 12.71 18.04
C GLU B 48 -11.22 12.82 18.96
N ALA B 49 -10.69 11.68 19.42
CA ALA B 49 -9.46 11.61 20.26
C ALA B 49 -8.31 12.32 19.52
N HIS B 50 -7.51 13.11 20.24
CA HIS B 50 -6.47 14.02 19.69
C HIS B 50 -5.29 13.18 19.16
N GLU B 51 -5.05 13.25 17.85
CA GLU B 51 -3.80 12.80 17.18
C GLU B 51 -2.69 13.82 17.49
N LEU B 52 -1.66 13.43 18.24
CA LEU B 52 -0.58 14.34 18.68
C LEU B 52 0.47 14.48 17.58
N ARG B 53 0.56 15.69 17.01
CA ARG B 53 1.57 16.16 16.04
C ARG B 53 2.56 17.13 16.71
N ASP B 54 3.80 17.13 16.22
CA ASP B 54 4.95 17.84 16.83
C ASP B 54 4.83 19.35 16.58
N ASP B 55 4.28 19.75 15.43
CA ASP B 55 4.12 21.18 14.98
C ASP B 55 5.49 21.86 14.91
N ASP B 56 6.52 21.13 14.50
CA ASP B 56 7.87 21.63 14.15
C ASP B 56 7.88 21.90 12.64
N PRO B 57 7.89 23.18 12.21
CA PRO B 57 7.73 23.50 10.78
C PRO B 57 8.90 23.02 9.92
N SER B 58 10.05 22.72 10.53
CA SER B 58 11.30 22.28 9.83
C SER B 58 11.36 20.75 9.64
N ARG B 59 10.36 19.99 10.13
CA ARG B 59 10.28 18.50 9.97
C ARG B 59 8.89 18.11 9.46
N TYR B 60 8.83 17.53 8.27
CA TYR B 60 7.60 16.92 7.68
C TYR B 60 6.45 17.92 7.65
N GLY B 61 6.76 19.21 7.45
CA GLY B 61 5.77 20.31 7.35
C GLY B 61 4.95 20.48 8.63
N GLY B 62 5.53 20.16 9.81
CA GLY B 62 4.86 20.25 11.13
C GLY B 62 4.12 18.99 11.53
N LYS B 63 4.28 17.86 10.83
CA LYS B 63 3.45 16.65 11.03
C LYS B 63 4.29 15.49 11.58
N GLY B 64 5.43 15.80 12.21
CA GLY B 64 6.21 14.81 12.95
C GLY B 64 5.39 14.22 14.09
N VAL B 65 5.72 13.00 14.53
CA VAL B 65 5.05 12.30 15.67
C VAL B 65 6.12 11.83 16.65
N GLN B 66 7.27 12.49 16.71
CA GLN B 66 8.34 12.26 17.72
C GLN B 66 7.79 12.40 19.15
N LYS B 67 6.90 13.37 19.43
CA LYS B 67 6.38 13.55 20.82
C LYS B 67 5.52 12.33 21.20
N ALA B 68 4.60 11.90 20.32
CA ALA B 68 3.82 10.64 20.46
C ALA B 68 4.77 9.48 20.70
N VAL B 69 5.81 9.34 19.87
CA VAL B 69 6.79 8.21 19.97
C VAL B 69 7.47 8.27 21.35
N GLU B 70 7.94 9.45 21.78
CA GLU B 70 8.56 9.60 23.11
C GLU B 70 7.54 9.22 24.22
N ASN B 71 6.28 9.63 24.08
CA ASN B 71 5.23 9.34 25.10
C ASN B 71 5.06 7.81 25.27
N VAL B 72 5.32 7.00 24.24
CA VAL B 72 5.25 5.51 24.39
C VAL B 72 6.26 5.07 25.46
N SER B 73 7.34 5.82 25.65
CA SER B 73 8.34 5.54 26.73
C SER B 73 7.68 5.60 28.14
N ALA B 74 6.81 6.58 28.41
CA ALA B 74 6.05 6.71 29.68
C ALA B 74 4.99 5.59 29.82
N ILE B 75 4.37 5.20 28.71
CA ILE B 75 3.44 4.03 28.62
C ILE B 75 4.23 2.76 28.96
N GLU B 76 5.45 2.62 28.43
CA GLU B 76 6.28 1.42 28.74
C GLU B 76 6.55 1.35 30.25
N ASP B 77 6.90 2.45 30.92
CA ASP B 77 7.15 2.51 32.39
C ASP B 77 5.90 2.05 33.16
N ALA B 78 4.71 2.45 32.75
CA ALA B 78 3.43 2.07 33.40
C ALA B 78 3.06 0.60 33.16
N LEU B 79 3.43 -0.01 32.02
CA LEU B 79 2.78 -1.29 31.54
C LEU B 79 3.71 -2.50 31.66
N ILE B 80 5.01 -2.31 31.79
CA ILE B 80 6.02 -3.39 31.97
C ILE B 80 5.57 -4.24 33.17
N GLY B 81 5.54 -5.56 33.01
CA GLY B 81 5.10 -6.46 34.09
C GLY B 81 3.62 -6.80 34.05
N LEU B 82 2.76 -6.01 33.39
CA LEU B 82 1.32 -6.37 33.30
C LEU B 82 1.14 -7.47 32.26
N SER B 83 0.09 -8.27 32.41
CA SER B 83 -0.27 -9.36 31.45
C SER B 83 -0.83 -8.73 30.18
N ALA B 84 -0.32 -9.16 29.03
CA ALA B 84 -0.79 -8.70 27.69
C ALA B 84 -2.23 -9.19 27.48
N LEU B 85 -2.68 -10.22 28.20
CA LEU B 85 -4.03 -10.81 28.05
C LEU B 85 -5.09 -9.86 28.62
N ASP B 86 -4.70 -9.00 29.55
CA ASP B 86 -5.63 -8.06 30.24
C ASP B 86 -5.71 -6.79 29.38
N GLN B 87 -6.30 -6.93 28.20
CA GLN B 87 -6.44 -5.83 27.20
C GLN B 87 -7.08 -4.64 27.90
N GLU B 88 -8.18 -4.90 28.61
CA GLU B 88 -9.01 -3.86 29.21
C GLU B 88 -8.20 -3.11 30.30
N GLY B 89 -7.50 -3.83 31.17
CA GLY B 89 -6.65 -3.23 32.24
C GLY B 89 -5.53 -2.41 31.63
N LEU B 90 -4.90 -2.96 30.61
CA LEU B 90 -3.87 -2.30 29.77
C LEU B 90 -4.43 -0.95 29.26
N ASP B 91 -5.57 -0.97 28.59
CA ASP B 91 -6.17 0.22 27.95
C ASP B 91 -6.54 1.23 29.04
N LYS B 92 -7.11 0.74 30.14
CA LYS B 92 -7.57 1.60 31.27
C LYS B 92 -6.36 2.26 31.93
N ALA B 93 -5.24 1.56 32.02
CA ALA B 93 -3.98 2.08 32.60
C ALA B 93 -3.45 3.24 31.73
N MET B 94 -3.51 3.12 30.40
CA MET B 94 -3.06 4.22 29.51
C MET B 94 -4.06 5.38 29.56
N ILE B 95 -5.36 5.10 29.61
CA ILE B 95 -6.42 6.16 29.71
C ILE B 95 -6.18 7.01 30.98
N ALA B 96 -5.91 6.34 32.10
CA ALA B 96 -5.62 6.94 33.43
C ALA B 96 -4.28 7.68 33.38
N LEU B 97 -3.27 7.12 32.70
CA LEU B 97 -1.94 7.77 32.64
C LEU B 97 -2.07 9.07 31.84
N ASP B 98 -2.88 9.07 30.79
CA ASP B 98 -3.16 10.27 29.96
C ASP B 98 -3.93 11.33 30.76
N GLY B 99 -5.06 10.96 31.37
CA GLY B 99 -5.80 11.81 32.34
C GLY B 99 -6.65 12.87 31.66
N THR B 100 -6.82 12.82 30.34
CA THR B 100 -7.66 13.79 29.60
C THR B 100 -8.71 13.04 28.80
N PRO B 101 -9.90 13.63 28.61
CA PRO B 101 -10.99 12.94 27.94
C PRO B 101 -10.68 12.52 26.49
N ASN B 102 -9.94 13.36 25.77
CA ASN B 102 -9.67 13.21 24.30
C ASN B 102 -8.22 12.79 24.05
N LYS B 103 -7.51 12.28 25.08
CA LYS B 103 -6.15 11.68 25.00
C LYS B 103 -5.13 12.68 24.41
N LYS B 104 -5.26 13.97 24.76
CA LYS B 104 -4.41 15.06 24.19
C LYS B 104 -3.05 15.14 24.89
N ASN B 105 -2.85 14.41 25.98
CA ASN B 105 -1.57 14.46 26.74
C ASN B 105 -0.59 13.43 26.17
N LEU B 106 -0.93 12.15 26.18
CA LEU B 106 -0.09 11.08 25.55
C LEU B 106 -0.25 11.11 24.04
N GLY B 107 -1.42 11.49 23.53
CA GLY B 107 -1.74 11.27 22.10
C GLY B 107 -2.46 9.96 21.88
N ALA B 108 -3.66 10.04 21.33
CA ALA B 108 -4.47 8.90 20.83
C ALA B 108 -3.60 7.97 19.98
N ASN B 109 -2.68 8.51 19.17
CA ASN B 109 -1.81 7.77 18.21
C ASN B 109 -0.79 6.92 19.00
N ALA B 110 -0.24 7.44 20.11
CA ALA B 110 0.69 6.73 21.01
C ALA B 110 -0.07 5.57 21.67
N ILE B 111 -1.24 5.90 22.22
CA ILE B 111 -2.03 4.96 23.06
C ILE B 111 -2.57 3.83 22.15
N LEU B 112 -3.13 4.18 21.00
CA LEU B 112 -3.74 3.17 20.11
C LEU B 112 -2.65 2.23 19.61
N ALA B 113 -1.44 2.74 19.39
CA ALA B 113 -0.34 1.92 18.83
C ALA B 113 -0.02 0.78 19.81
N VAL B 114 0.10 1.13 21.09
CA VAL B 114 0.39 0.16 22.18
C VAL B 114 -0.81 -0.79 22.35
N SER B 115 -2.02 -0.26 22.29
CA SER B 115 -3.29 -1.01 22.46
C SER B 115 -3.38 -2.13 21.41
N LEU B 116 -3.16 -1.80 20.13
CA LEU B 116 -3.22 -2.78 19.01
C LEU B 116 -2.01 -3.73 19.11
N ALA B 117 -0.81 -3.19 19.37
CA ALA B 117 0.43 -3.99 19.42
C ALA B 117 0.27 -5.06 20.49
N THR B 118 -0.21 -4.64 21.67
CA THR B 118 -0.39 -5.56 22.82
C THR B 118 -1.33 -6.69 22.40
N ALA B 119 -2.46 -6.37 21.78
CA ALA B 119 -3.44 -7.38 21.32
C ALA B 119 -2.77 -8.35 20.36
N HIS B 120 -2.00 -7.86 19.39
CA HIS B 120 -1.30 -8.74 18.40
C HIS B 120 -0.35 -9.72 19.14
N ALA B 121 0.36 -9.22 20.16
CA ALA B 121 1.33 -9.97 20.97
C ALA B 121 0.62 -11.07 21.78
N ALA B 122 -0.51 -10.71 22.39
CA ALA B 122 -1.33 -11.63 23.19
C ALA B 122 -1.90 -12.72 22.29
N ALA B 123 -2.41 -12.40 21.10
CA ALA B 123 -2.92 -13.42 20.14
C ALA B 123 -1.79 -14.40 19.81
N THR B 124 -0.60 -13.88 19.51
CA THR B 124 0.61 -14.67 19.15
C THR B 124 1.03 -15.57 20.32
N SER B 125 1.06 -15.04 21.55
CA SER B 125 1.39 -15.81 22.78
C SER B 125 0.46 -17.02 22.91
N LEU B 126 -0.84 -16.86 22.74
CA LEU B 126 -1.82 -17.97 22.86
C LEU B 126 -1.80 -18.84 21.61
N ASN B 127 -1.04 -18.44 20.59
CA ASN B 127 -1.04 -19.09 19.24
C ASN B 127 -2.47 -19.10 18.70
N LEU B 128 -3.19 -17.99 18.89
CA LEU B 128 -4.53 -17.72 18.30
C LEU B 128 -4.43 -16.66 17.23
N PRO B 129 -5.14 -16.85 16.10
CA PRO B 129 -5.31 -15.78 15.13
C PRO B 129 -6.00 -14.60 15.84
N LEU B 130 -5.72 -13.37 15.44
CA LEU B 130 -6.19 -12.18 16.20
C LEU B 130 -7.71 -12.12 16.15
N TYR B 131 -8.36 -12.55 15.06
CA TYR B 131 -9.84 -12.49 14.96
C TYR B 131 -10.44 -13.37 16.06
N ARG B 132 -9.83 -14.51 16.34
CA ARG B 132 -10.35 -15.51 17.30
C ARG B 132 -10.02 -15.05 18.73
N TYR B 133 -8.81 -14.55 18.96
CA TYR B 133 -8.42 -13.93 20.24
C TYR B 133 -9.45 -12.83 20.60
N LEU B 134 -9.84 -11.99 19.64
CA LEU B 134 -10.69 -10.81 19.96
C LEU B 134 -12.19 -11.17 20.07
N GLY B 135 -12.67 -12.29 19.52
CA GLY B 135 -14.11 -12.50 19.31
C GLY B 135 -14.69 -13.83 19.78
N GLY B 136 -13.90 -14.84 20.12
CA GLY B 136 -14.45 -16.13 20.57
C GLY B 136 -14.94 -17.01 19.41
N PRO B 137 -15.58 -18.17 19.70
CA PRO B 137 -15.68 -19.26 18.73
C PRO B 137 -16.68 -19.06 17.60
N LEU B 138 -17.45 -17.96 17.64
CA LEU B 138 -18.38 -17.52 16.57
C LEU B 138 -17.80 -16.33 15.79
N ALA B 139 -16.51 -16.04 15.91
CA ALA B 139 -15.81 -15.08 15.03
C ALA B 139 -15.59 -15.76 13.66
N ASN B 140 -16.61 -15.77 12.80
CA ASN B 140 -16.59 -16.60 11.55
C ASN B 140 -17.20 -15.86 10.36
N VAL B 141 -17.52 -14.58 10.52
CA VAL B 141 -18.26 -13.79 9.51
C VAL B 141 -17.29 -12.85 8.81
N LEU B 142 -17.13 -13.09 7.52
CA LEU B 142 -16.43 -12.16 6.61
C LEU B 142 -17.36 -11.07 6.16
N PRO B 143 -16.89 -9.81 6.27
CA PRO B 143 -17.72 -8.64 6.00
C PRO B 143 -17.94 -8.46 4.49
N VAL B 144 -19.04 -7.79 4.16
CA VAL B 144 -19.29 -7.17 2.84
C VAL B 144 -18.43 -5.93 2.82
N PRO B 145 -17.54 -5.79 1.82
CA PRO B 145 -16.73 -4.58 1.71
C PRO B 145 -17.45 -3.42 1.01
N MET B 146 -17.25 -2.23 1.53
CA MET B 146 -17.66 -0.95 0.90
C MET B 146 -16.48 -0.43 0.09
N MET B 147 -16.50 -0.66 -1.22
CA MET B 147 -15.34 -0.46 -2.12
C MET B 147 -15.52 0.87 -2.87
N ASN B 148 -14.76 1.87 -2.43
CA ASN B 148 -14.57 3.18 -3.09
C ASN B 148 -14.28 2.99 -4.58
N VAL B 149 -14.94 3.74 -5.47
CA VAL B 149 -14.64 3.74 -6.93
C VAL B 149 -14.62 5.19 -7.47
N ILE B 150 -15.51 6.07 -7.03
CA ILE B 150 -15.54 7.49 -7.50
C ILE B 150 -15.61 8.45 -6.31
N ASN B 151 -14.83 9.52 -6.39
CA ASN B 151 -14.73 10.55 -5.33
C ASN B 151 -15.23 11.88 -5.87
N GLY B 152 -15.79 12.70 -5.00
CA GLY B 152 -16.24 14.06 -5.31
C GLY B 152 -16.01 14.96 -4.11
N GLY B 153 -16.77 16.05 -4.04
CA GLY B 153 -16.73 17.05 -2.96
C GLY B 153 -15.32 17.55 -2.77
N ALA B 154 -14.84 17.54 -1.53
CA ALA B 154 -13.50 18.09 -1.18
C ALA B 154 -12.40 17.04 -1.45
N HIS B 155 -12.77 15.82 -1.91
CA HIS B 155 -11.83 14.72 -2.31
C HIS B 155 -11.65 14.64 -3.83
N ALA B 156 -11.86 15.73 -4.58
CA ALA B 156 -11.80 15.76 -6.06
C ALA B 156 -11.75 17.20 -6.61
N ASP B 157 -11.47 17.32 -7.91
CA ASP B 157 -11.64 18.55 -8.73
C ASP B 157 -12.76 18.27 -9.76
N ASN B 158 -14.02 18.27 -9.30
CA ASN B 158 -15.17 17.99 -10.20
C ASN B 158 -16.43 18.68 -9.62
N ASN B 159 -17.57 18.46 -10.29
CA ASN B 159 -18.91 19.03 -9.93
C ASN B 159 -19.83 17.96 -9.33
N VAL B 160 -19.23 16.93 -8.74
CA VAL B 160 -19.90 15.92 -7.85
C VAL B 160 -19.86 16.46 -6.42
N ASP B 161 -21.02 16.64 -5.80
CA ASP B 161 -21.19 17.27 -4.47
C ASP B 161 -20.86 16.27 -3.36
N PHE B 162 -21.23 15.00 -3.55
CA PHE B 162 -21.05 13.92 -2.55
C PHE B 162 -19.59 13.46 -2.60
N GLN B 163 -19.08 13.01 -1.45
CA GLN B 163 -17.65 12.72 -1.25
C GLN B 163 -17.25 11.39 -1.89
N GLU B 164 -18.06 10.34 -1.74
CA GLU B 164 -17.59 8.97 -2.10
C GLU B 164 -18.78 8.15 -2.62
N PHE B 165 -18.56 7.44 -3.72
CA PHE B 165 -19.49 6.47 -4.34
C PHE B 165 -18.81 5.10 -4.27
N MET B 166 -19.49 4.11 -3.72
CA MET B 166 -18.92 2.78 -3.44
C MET B 166 -19.76 1.70 -4.10
N ILE B 167 -19.13 0.59 -4.44
CA ILE B 167 -19.85 -0.66 -4.81
C ILE B 167 -19.77 -1.60 -3.60
N MET B 168 -20.80 -2.42 -3.39
CA MET B 168 -20.86 -3.44 -2.31
C MET B 168 -21.32 -4.75 -2.94
N PRO B 169 -20.46 -5.78 -3.01
CA PRO B 169 -20.85 -7.04 -3.65
C PRO B 169 -21.70 -7.87 -2.68
N VAL B 170 -22.88 -7.36 -2.33
CA VAL B 170 -23.81 -7.97 -1.33
C VAL B 170 -24.23 -9.38 -1.77
N GLY B 171 -24.32 -9.66 -3.07
CA GLY B 171 -24.91 -10.93 -3.57
C GLY B 171 -23.90 -12.05 -3.76
N ALA B 172 -22.64 -11.87 -3.36
CA ALA B 172 -21.55 -12.85 -3.58
C ALA B 172 -21.69 -14.04 -2.61
N PRO B 173 -21.30 -15.28 -3.03
CA PRO B 173 -21.40 -16.45 -2.17
C PRO B 173 -20.33 -16.50 -1.07
N SER B 174 -19.27 -15.71 -1.22
CA SER B 174 -18.11 -15.78 -0.28
C SER B 174 -17.35 -14.46 -0.37
N PHE B 175 -16.46 -14.17 0.58
CA PHE B 175 -15.61 -12.96 0.53
C PHE B 175 -14.66 -13.04 -0.68
N LYS B 176 -14.05 -14.19 -0.89
CA LYS B 176 -13.13 -14.48 -2.04
C LYS B 176 -13.78 -14.07 -3.36
N GLU B 177 -15.02 -14.46 -3.61
CA GLU B 177 -15.78 -14.06 -4.82
C GLU B 177 -16.18 -12.57 -4.74
N ALA B 178 -16.58 -12.07 -3.57
CA ALA B 178 -16.93 -10.64 -3.39
C ALA B 178 -15.77 -9.78 -3.88
N LEU B 179 -14.55 -10.19 -3.54
CA LEU B 179 -13.32 -9.41 -3.86
C LEU B 179 -13.13 -9.44 -5.38
N ARG B 180 -13.25 -10.60 -6.00
CA ARG B 180 -13.11 -10.75 -7.47
C ARG B 180 -14.15 -9.88 -8.19
N TRP B 181 -15.40 -9.90 -7.73
CA TRP B 181 -16.47 -9.05 -8.29
C TRP B 181 -16.06 -7.58 -8.22
N GLY B 182 -15.65 -7.11 -7.03
CA GLY B 182 -15.21 -5.72 -6.83
C GLY B 182 -14.11 -5.34 -7.80
N ALA B 183 -13.06 -6.15 -7.85
CA ALA B 183 -11.90 -5.98 -8.75
C ALA B 183 -12.36 -5.92 -10.21
N GLU B 184 -13.24 -6.82 -10.69
CA GLU B 184 -13.65 -6.84 -12.11
C GLU B 184 -14.42 -5.55 -12.41
N VAL B 185 -15.25 -5.11 -11.49
CA VAL B 185 -16.04 -3.87 -11.69
C VAL B 185 -15.07 -2.68 -11.66
N PHE B 186 -14.05 -2.70 -10.81
CA PHE B 186 -13.09 -1.56 -10.74
C PHE B 186 -12.38 -1.41 -12.10
N HIS B 187 -11.91 -2.52 -12.69
CA HIS B 187 -11.16 -2.55 -13.98
C HIS B 187 -12.10 -2.21 -15.14
N ALA B 188 -13.36 -2.64 -15.08
CA ALA B 188 -14.37 -2.25 -16.10
C ALA B 188 -14.62 -0.74 -15.98
N LEU B 189 -14.61 -0.18 -14.74
CA LEU B 189 -14.78 1.29 -14.56
C LEU B 189 -13.59 2.02 -15.17
N ALA B 190 -12.36 1.55 -14.91
CA ALA B 190 -11.10 2.17 -15.38
C ALA B 190 -11.15 2.28 -16.90
N LYS B 191 -11.55 1.20 -17.57
CA LYS B 191 -11.65 1.10 -19.05
C LYS B 191 -12.70 2.11 -19.53
N VAL B 192 -13.86 2.18 -18.87
CA VAL B 192 -14.94 3.12 -19.26
C VAL B 192 -14.46 4.57 -19.05
N LEU B 193 -13.76 4.90 -17.96
CA LEU B 193 -13.19 6.27 -17.75
C LEU B 193 -12.18 6.61 -18.86
N LYS B 194 -11.23 5.72 -19.14
CA LYS B 194 -10.19 5.94 -20.18
C LYS B 194 -10.84 6.07 -21.57
N ASP B 195 -11.88 5.28 -21.88
CA ASP B 195 -12.55 5.30 -23.22
C ASP B 195 -13.26 6.65 -23.42
N LYS B 196 -13.76 7.28 -22.35
CA LYS B 196 -14.36 8.64 -22.38
C LYS B 196 -13.31 9.76 -22.27
N GLY B 197 -12.02 9.46 -22.10
CA GLY B 197 -10.96 10.46 -21.98
C GLY B 197 -10.93 11.16 -20.61
N LEU B 198 -11.42 10.49 -19.57
CA LEU B 198 -11.37 10.97 -18.16
C LEU B 198 -10.15 10.37 -17.44
N ALA B 199 -9.56 11.19 -16.54
CA ALA B 199 -8.31 10.92 -15.80
C ALA B 199 -8.45 9.65 -14.96
N THR B 200 -7.38 8.86 -14.89
CA THR B 200 -7.32 7.53 -14.22
C THR B 200 -6.28 7.57 -13.08
N GLY B 201 -5.69 8.75 -12.76
CA GLY B 201 -4.92 8.97 -11.52
C GLY B 201 -5.77 8.61 -10.31
N VAL B 202 -5.23 7.97 -9.27
CA VAL B 202 -6.06 7.53 -8.10
C VAL B 202 -5.82 8.47 -6.90
N GLY B 203 -6.84 8.66 -6.06
CA GLY B 203 -6.75 9.39 -4.78
C GLY B 203 -6.28 8.50 -3.64
N ASP B 204 -6.32 9.05 -2.43
CA ASP B 204 -5.86 8.42 -1.16
C ASP B 204 -6.35 6.97 -1.04
N GLU B 205 -7.60 6.68 -1.43
CA GLU B 205 -8.29 5.40 -1.15
C GLU B 205 -8.12 4.43 -2.31
N GLY B 206 -7.50 4.84 -3.41
CA GLY B 206 -7.17 3.96 -4.55
C GLY B 206 -8.23 3.97 -5.64
N GLY B 207 -9.17 4.91 -5.55
CA GLY B 207 -10.24 5.13 -6.54
C GLY B 207 -10.00 6.33 -7.43
N PHE B 208 -10.96 6.63 -8.30
CA PHE B 208 -10.89 7.65 -9.36
C PHE B 208 -11.64 8.91 -8.91
N ALA B 209 -11.23 10.06 -9.41
CA ALA B 209 -11.87 11.38 -9.20
C ALA B 209 -11.98 12.08 -10.57
N PRO B 210 -12.68 11.49 -11.56
CA PRO B 210 -12.76 12.09 -12.89
C PRO B 210 -13.60 13.36 -12.84
N ASN B 211 -13.47 14.19 -13.87
CA ASN B 211 -14.22 15.46 -13.99
C ASN B 211 -15.66 15.15 -14.43
N LEU B 212 -16.53 14.73 -13.50
CA LEU B 212 -17.97 14.45 -13.75
C LEU B 212 -18.79 15.67 -13.34
N GLY B 213 -19.99 15.78 -13.92
CA GLY B 213 -20.88 16.96 -13.82
C GLY B 213 -21.86 16.91 -12.66
N SER B 214 -22.10 15.75 -12.03
CA SER B 214 -23.20 15.58 -11.04
C SER B 214 -23.10 14.23 -10.30
N ASN B 215 -23.78 14.14 -9.16
CA ASN B 215 -23.92 12.86 -8.42
C ASN B 215 -24.56 11.82 -9.34
N LYS B 216 -25.61 12.20 -10.06
CA LYS B 216 -26.33 11.26 -10.95
C LYS B 216 -25.32 10.67 -11.96
N GLU B 217 -24.43 11.48 -12.53
CA GLU B 217 -23.42 11.01 -13.51
C GLU B 217 -22.51 9.96 -12.82
N ALA B 218 -22.06 10.21 -11.60
CA ALA B 218 -21.30 9.20 -10.80
C ALA B 218 -22.07 7.88 -10.75
N LEU B 219 -23.34 7.89 -10.36
CA LEU B 219 -24.09 6.64 -10.10
C LEU B 219 -24.33 5.92 -11.42
N GLU B 220 -24.60 6.66 -12.49
CA GLU B 220 -24.83 6.13 -13.86
C GLU B 220 -23.57 5.40 -14.32
N LEU B 221 -22.41 5.97 -13.99
CA LEU B 221 -21.07 5.41 -14.34
C LEU B 221 -20.83 4.08 -13.61
N LEU B 222 -21.18 4.00 -12.32
CA LEU B 222 -21.03 2.73 -11.55
C LEU B 222 -21.95 1.67 -12.17
N LEU B 223 -23.17 2.04 -12.54
CA LEU B 223 -24.15 1.09 -13.15
C LEU B 223 -23.57 0.57 -14.48
N THR B 224 -22.99 1.45 -15.29
CA THR B 224 -22.31 1.13 -16.57
C THR B 224 -21.16 0.13 -16.33
N ALA B 225 -20.30 0.42 -15.34
CA ALA B 225 -19.16 -0.43 -14.93
C ALA B 225 -19.66 -1.82 -14.48
N ILE B 226 -20.67 -1.86 -13.64
CA ILE B 226 -21.21 -3.14 -13.11
C ILE B 226 -21.71 -4.00 -14.29
N GLU B 227 -22.51 -3.40 -15.17
CA GLU B 227 -23.12 -4.05 -16.36
C GLU B 227 -21.99 -4.52 -17.28
N ALA B 228 -20.96 -3.70 -17.46
CA ALA B 228 -19.83 -3.99 -18.36
C ALA B 228 -19.06 -5.22 -17.83
N ALA B 229 -18.98 -5.40 -16.50
CA ALA B 229 -18.28 -6.55 -15.88
C ALA B 229 -19.18 -7.80 -15.86
N GLY B 230 -20.48 -7.65 -16.15
CA GLY B 230 -21.47 -8.75 -16.24
C GLY B 230 -22.24 -9.01 -14.95
N TYR B 231 -22.34 -8.04 -14.03
CA TYR B 231 -23.03 -8.21 -12.72
C TYR B 231 -24.36 -7.46 -12.73
N LYS B 232 -25.33 -7.95 -11.95
CA LYS B 232 -26.66 -7.33 -11.74
C LYS B 232 -26.54 -6.23 -10.69
N PRO B 233 -26.84 -4.95 -11.03
CA PRO B 233 -26.89 -3.89 -10.03
C PRO B 233 -27.96 -4.26 -8.98
N GLY B 234 -27.67 -4.05 -7.69
CA GLY B 234 -28.62 -4.31 -6.60
C GLY B 234 -28.48 -5.71 -6.04
N GLU B 235 -28.94 -6.72 -6.79
CA GLU B 235 -28.91 -8.14 -6.36
C GLU B 235 -27.45 -8.60 -6.15
N GLN B 236 -26.52 -8.26 -7.05
CA GLN B 236 -25.13 -8.77 -6.98
C GLN B 236 -24.21 -7.68 -6.44
N VAL B 237 -24.14 -6.57 -7.14
CA VAL B 237 -23.31 -5.39 -6.76
C VAL B 237 -24.26 -4.23 -6.59
N ALA B 238 -24.37 -3.74 -5.38
CA ALA B 238 -25.25 -2.62 -5.02
C ALA B 238 -24.35 -1.41 -4.76
N LEU B 239 -24.94 -0.25 -4.51
CA LEU B 239 -24.19 1.02 -4.38
C LEU B 239 -24.32 1.53 -2.96
N ALA B 240 -23.40 2.38 -2.56
CA ALA B 240 -23.44 3.07 -1.27
C ALA B 240 -22.75 4.40 -1.48
N MET B 241 -23.05 5.35 -0.62
CA MET B 241 -22.56 6.72 -0.78
C MET B 241 -22.10 7.20 0.58
N ASP B 242 -21.02 7.96 0.59
CA ASP B 242 -20.71 8.84 1.73
C ASP B 242 -21.05 10.24 1.23
N VAL B 243 -22.12 10.82 1.74
CA VAL B 243 -22.57 12.17 1.33
C VAL B 243 -21.61 13.23 1.93
N ALA B 244 -21.07 12.99 3.11
CA ALA B 244 -20.29 13.98 3.88
C ALA B 244 -21.00 15.34 3.76
N SER B 245 -22.29 15.35 4.09
CA SER B 245 -23.20 16.51 3.90
C SER B 245 -22.60 17.76 4.59
N SER B 246 -21.78 17.62 5.63
CA SER B 246 -21.35 18.82 6.40
C SER B 246 -20.39 19.66 5.54
N GLU B 247 -19.90 19.14 4.42
CA GLU B 247 -19.01 19.86 3.47
C GLU B 247 -19.80 20.90 2.65
N PHE B 248 -21.10 20.70 2.41
CA PHE B 248 -21.93 21.62 1.59
C PHE B 248 -23.10 22.17 2.43
N TYR B 249 -22.97 22.17 3.75
CA TYR B 249 -24.00 22.70 4.68
C TYR B 249 -23.52 24.03 5.24
N LYS B 250 -24.38 25.05 5.14
CA LYS B 250 -24.20 26.36 5.81
C LYS B 250 -25.59 26.97 6.10
N ASN B 251 -25.78 27.54 7.29
CA ASN B 251 -26.98 28.33 7.68
C ASN B 251 -28.26 27.50 7.46
N GLY B 252 -28.29 26.23 7.86
CA GLY B 252 -29.47 25.35 7.73
C GLY B 252 -29.76 24.95 6.28
N LEU B 253 -28.88 25.28 5.33
CA LEU B 253 -29.06 24.98 3.90
C LEU B 253 -27.94 24.06 3.40
N TYR B 254 -28.33 23.08 2.60
CA TYR B 254 -27.44 22.12 1.91
C TYR B 254 -27.38 22.52 0.43
N THR B 255 -26.18 22.81 -0.10
CA THR B 255 -25.95 23.16 -1.52
C THR B 255 -25.62 21.88 -2.30
N CYS B 256 -26.47 21.48 -3.24
CA CYS B 256 -26.39 20.16 -3.88
C CYS B 256 -27.08 20.23 -5.24
N ASP B 257 -26.44 19.72 -6.30
CA ASP B 257 -26.90 19.85 -7.70
C ASP B 257 -27.10 21.34 -8.06
N GLY B 258 -26.29 22.26 -7.49
CA GLY B 258 -26.27 23.70 -7.83
C GLY B 258 -27.36 24.53 -7.16
N VAL B 259 -28.30 23.90 -6.44
CA VAL B 259 -29.46 24.53 -5.75
C VAL B 259 -29.24 24.46 -4.22
N SER B 260 -29.62 25.52 -3.48
CA SER B 260 -29.70 25.53 -1.99
C SER B 260 -30.95 24.74 -1.58
N HIS B 261 -30.83 23.78 -0.66
CA HIS B 261 -31.97 23.00 -0.11
C HIS B 261 -32.09 23.21 1.41
N GLU B 262 -33.33 23.30 1.89
CA GLU B 262 -33.71 23.08 3.31
C GLU B 262 -33.51 21.60 3.63
N PRO B 263 -33.34 21.24 4.92
CA PRO B 263 -33.18 19.83 5.31
C PRO B 263 -34.14 18.86 4.62
N ALA B 264 -35.40 19.25 4.46
CA ALA B 264 -36.48 18.41 3.86
C ALA B 264 -36.19 18.18 2.37
N GLY B 265 -35.62 19.18 1.70
CA GLY B 265 -35.14 19.08 0.31
C GLY B 265 -33.97 18.10 0.21
N MET B 266 -33.01 18.19 1.14
CA MET B 266 -31.83 17.28 1.17
C MET B 266 -32.34 15.86 1.35
N ILE B 267 -33.31 15.67 2.25
CA ILE B 267 -33.93 14.35 2.53
C ILE B 267 -34.60 13.82 1.26
N GLY B 268 -35.36 14.68 0.57
CA GLY B 268 -36.05 14.36 -0.70
C GLY B 268 -35.06 13.96 -1.78
N ILE B 269 -33.90 14.63 -1.85
CA ILE B 269 -32.83 14.26 -2.83
C ILE B 269 -32.38 12.83 -2.53
N LEU B 270 -32.11 12.53 -1.26
CA LEU B 270 -31.65 11.17 -0.85
C LEU B 270 -32.73 10.15 -1.17
N ALA B 271 -34.01 10.49 -0.92
CA ALA B 271 -35.17 9.61 -1.16
C ALA B 271 -35.30 9.32 -2.67
N ASP B 272 -35.19 10.35 -3.50
CA ASP B 272 -35.30 10.24 -4.98
C ASP B 272 -34.19 9.32 -5.49
N LEU B 273 -32.95 9.53 -5.03
CA LEU B 273 -31.77 8.73 -5.47
C LEU B 273 -32.02 7.27 -5.09
N VAL B 274 -32.47 7.02 -3.86
CA VAL B 274 -32.77 5.65 -3.39
C VAL B 274 -33.84 4.98 -4.29
N SER B 275 -34.90 5.70 -4.69
CA SER B 275 -36.03 5.07 -5.41
C SER B 275 -35.60 4.79 -6.86
N GLN B 276 -34.62 5.54 -7.38
CA GLN B 276 -34.09 5.44 -8.77
C GLN B 276 -32.93 4.42 -8.88
N TYR B 277 -32.00 4.40 -7.91
CA TYR B 277 -30.71 3.65 -7.98
C TYR B 277 -30.67 2.55 -6.91
N PRO B 278 -30.03 1.38 -7.14
CA PRO B 278 -29.88 0.35 -6.09
C PRO B 278 -28.85 0.76 -5.02
N ILE B 279 -29.10 1.87 -4.32
CA ILE B 279 -28.29 2.40 -3.20
C ILE B 279 -28.79 1.70 -1.94
N VAL B 280 -27.93 0.97 -1.20
CA VAL B 280 -28.33 0.23 0.03
C VAL B 280 -27.84 0.98 1.27
N SER B 281 -26.98 1.99 1.14
CA SER B 281 -26.36 2.62 2.33
C SER B 281 -25.97 4.06 2.02
N ILE B 282 -26.18 4.94 2.99
CA ILE B 282 -25.88 6.39 2.86
C ILE B 282 -25.25 6.84 4.15
N GLU B 283 -24.07 7.40 4.05
CA GLU B 283 -23.29 7.79 5.22
C GLU B 283 -23.36 9.32 5.29
N ASP B 284 -23.60 9.85 6.49
CA ASP B 284 -23.58 11.30 6.76
C ASP B 284 -24.48 12.07 5.77
N GLY B 285 -25.68 11.54 5.49
CA GLY B 285 -26.65 12.14 4.55
C GLY B 285 -27.10 13.52 4.99
N LEU B 286 -27.06 13.82 6.29
CA LEU B 286 -27.36 15.17 6.88
C LEU B 286 -26.25 15.53 7.84
N GLN B 287 -26.16 16.80 8.26
CA GLN B 287 -24.95 17.24 8.97
C GLN B 287 -25.01 16.68 10.39
N GLU B 288 -23.84 16.59 10.98
CA GLU B 288 -23.53 15.72 12.14
C GLU B 288 -24.38 16.08 13.36
N ASP B 289 -24.94 17.29 13.46
CA ASP B 289 -25.68 17.79 14.66
C ASP B 289 -27.14 18.14 14.35
N ASP B 290 -27.62 17.84 13.13
CA ASP B 290 -28.98 18.12 12.63
C ASP B 290 -29.87 16.92 12.98
N TRP B 291 -30.04 16.66 14.27
CA TRP B 291 -30.61 15.40 14.80
C TRP B 291 -32.10 15.30 14.52
N SER B 292 -32.83 16.41 14.66
CA SER B 292 -34.27 16.51 14.33
C SER B 292 -34.52 16.02 12.89
N ASN B 293 -33.71 16.45 11.92
CA ASN B 293 -33.90 16.06 10.51
C ASN B 293 -33.37 14.63 10.27
N TRP B 294 -32.33 14.20 11.00
CA TRP B 294 -31.85 12.79 11.01
C TRP B 294 -33.00 11.87 11.45
N LYS B 295 -33.72 12.26 12.50
CA LYS B 295 -34.97 11.59 12.96
C LYS B 295 -35.87 11.35 11.76
N THR B 296 -36.23 12.41 11.04
CA THR B 296 -37.16 12.36 9.88
C THR B 296 -36.57 11.41 8.82
N LEU B 297 -35.31 11.64 8.46
CA LEU B 297 -34.57 10.80 7.47
C LEU B 297 -34.66 9.33 7.88
N THR B 298 -34.41 9.05 9.17
CA THR B 298 -34.41 7.68 9.71
C THR B 298 -35.83 7.09 9.64
N GLN B 299 -36.86 7.85 10.02
CA GLN B 299 -38.26 7.37 9.97
C GLN B 299 -38.64 7.08 8.51
N GLN B 300 -38.16 7.89 7.59
CA GLN B 300 -38.58 7.84 6.16
C GLN B 300 -37.82 6.72 5.44
N LEU B 301 -36.50 6.61 5.62
CA LEU B 301 -35.65 5.74 4.76
C LEU B 301 -35.09 4.55 5.56
N GLY B 302 -35.04 4.66 6.89
CA GLY B 302 -34.34 3.73 7.78
C GLY B 302 -34.86 2.30 7.65
N SER B 303 -36.10 2.09 7.25
CA SER B 303 -36.64 0.71 7.13
C SER B 303 -36.05 0.03 5.88
N THR B 304 -35.65 0.76 4.85
CA THR B 304 -35.29 0.18 3.52
C THR B 304 -33.80 0.36 3.21
N VAL B 305 -33.11 1.27 3.90
CA VAL B 305 -31.77 1.84 3.54
C VAL B 305 -30.92 1.94 4.81
N GLN B 306 -29.67 1.51 4.77
CA GLN B 306 -28.77 1.71 5.93
C GLN B 306 -28.37 3.18 5.97
N LEU B 307 -28.45 3.80 7.15
CA LEU B 307 -28.10 5.23 7.33
C LEU B 307 -26.95 5.30 8.31
N VAL B 308 -25.73 5.50 7.81
CA VAL B 308 -24.47 5.37 8.60
C VAL B 308 -24.06 6.74 9.15
N GLY B 309 -23.81 6.79 10.44
CA GLY B 309 -23.19 7.94 11.10
C GLY B 309 -21.69 7.75 11.11
N ASP B 310 -20.97 8.70 10.53
CA ASP B 310 -19.49 8.83 10.68
C ASP B 310 -19.22 10.07 11.53
N ASP B 311 -19.25 11.26 10.94
CA ASP B 311 -19.18 12.56 11.67
C ASP B 311 -20.32 12.61 12.73
N LEU B 312 -21.43 11.91 12.44
CA LEU B 312 -22.64 11.88 13.31
C LEU B 312 -22.26 11.33 14.69
N PHE B 313 -21.44 10.27 14.73
CA PHE B 313 -21.16 9.49 15.97
C PHE B 313 -19.69 9.64 16.40
N VAL B 314 -18.75 9.83 15.48
CA VAL B 314 -17.27 9.89 15.73
C VAL B 314 -16.86 8.72 16.65
N THR B 315 -17.42 7.53 16.40
CA THR B 315 -17.08 6.31 17.18
C THR B 315 -17.12 6.60 18.68
N ASN B 316 -18.08 7.39 19.13
CA ASN B 316 -18.20 7.80 20.56
C ASN B 316 -19.41 7.13 21.20
N PRO B 317 -19.22 6.32 22.28
CA PRO B 317 -20.32 5.67 22.97
C PRO B 317 -21.45 6.62 23.44
N ASP B 318 -21.12 7.81 23.98
CA ASP B 318 -22.11 8.82 24.46
C ASP B 318 -22.99 9.27 23.30
N ARG B 319 -22.37 9.74 22.21
CA ARG B 319 -23.06 10.20 20.98
C ARG B 319 -23.88 9.04 20.41
N LEU B 320 -23.34 7.82 20.35
CA LEU B 320 -24.09 6.69 19.76
C LEU B 320 -25.29 6.38 20.67
N GLN B 321 -25.10 6.46 21.98
CA GLN B 321 -26.18 6.20 22.99
C GLN B 321 -27.35 7.16 22.69
N SER B 322 -27.09 8.46 22.55
CA SER B 322 -28.13 9.49 22.30
C SER B 322 -28.82 9.18 20.99
N GLY B 323 -28.05 8.82 19.96
CA GLY B 323 -28.56 8.49 18.62
C GLY B 323 -29.52 7.32 18.69
N ILE B 324 -29.16 6.28 19.45
CA ILE B 324 -30.03 5.09 19.68
C ILE B 324 -31.33 5.54 20.35
N GLU B 325 -31.24 6.34 21.42
CA GLU B 325 -32.41 6.83 22.21
C GLU B 325 -33.36 7.67 21.35
N GLN B 326 -32.84 8.45 20.39
CA GLN B 326 -33.64 9.41 19.59
C GLN B 326 -34.01 8.86 18.20
N GLY B 327 -33.76 7.58 17.89
CA GLY B 327 -34.10 6.97 16.59
C GLY B 327 -33.35 7.67 15.46
N VAL B 328 -32.04 7.89 15.63
CA VAL B 328 -31.14 8.63 14.69
C VAL B 328 -30.12 7.63 14.12
N GLY B 329 -30.13 7.46 12.79
CA GLY B 329 -29.27 6.51 12.08
C GLY B 329 -29.68 5.07 12.34
N ASN B 330 -29.04 4.10 11.68
CA ASN B 330 -29.17 2.67 12.07
C ASN B 330 -27.83 1.95 11.86
N ALA B 331 -26.74 2.70 11.68
CA ALA B 331 -25.38 2.15 11.53
C ALA B 331 -24.38 3.20 12.00
N VAL B 332 -23.16 2.74 12.26
CA VAL B 332 -22.06 3.58 12.79
C VAL B 332 -20.76 3.13 12.14
N LEU B 333 -19.97 4.09 11.66
CA LEU B 333 -18.60 3.92 11.14
C LEU B 333 -17.67 3.82 12.35
N ILE B 334 -16.93 2.72 12.41
CA ILE B 334 -16.05 2.39 13.56
C ILE B 334 -14.60 2.69 13.17
N LYS B 335 -14.06 3.73 13.79
CA LYS B 335 -12.68 4.19 13.56
C LYS B 335 -11.94 4.10 14.88
N LEU B 336 -11.04 3.11 14.98
CA LEU B 336 -10.23 2.83 16.19
C LEU B 336 -9.60 4.12 16.73
N ASN B 337 -9.07 4.98 15.84
CA ASN B 337 -8.20 6.11 16.27
C ASN B 337 -9.05 7.36 16.53
N GLN B 338 -10.37 7.28 16.31
CA GLN B 338 -11.33 8.34 16.73
C GLN B 338 -11.58 8.22 18.23
N ILE B 339 -11.40 7.04 18.81
CA ILE B 339 -11.59 6.84 20.29
C ILE B 339 -10.29 6.46 20.98
N GLY B 340 -9.38 5.68 20.35
CA GLY B 340 -7.96 5.62 20.74
C GLY B 340 -7.55 4.38 21.54
N THR B 341 -8.47 3.47 21.91
CA THR B 341 -8.12 2.13 22.47
C THR B 341 -8.94 1.06 21.80
N LEU B 342 -8.41 -0.16 21.76
CA LEU B 342 -9.15 -1.33 21.22
C LEU B 342 -10.39 -1.55 22.11
N THR B 343 -10.23 -1.46 23.42
CA THR B 343 -11.29 -1.69 24.43
C THR B 343 -12.49 -0.79 24.11
N GLU B 344 -12.27 0.53 24.07
CA GLU B 344 -13.37 1.51 23.88
C GLU B 344 -14.00 1.28 22.50
N THR B 345 -13.22 0.89 21.51
CA THR B 345 -13.75 0.53 20.17
C THR B 345 -14.67 -0.69 20.31
N LEU B 346 -14.26 -1.71 21.06
CA LEU B 346 -15.10 -2.92 21.29
C LEU B 346 -16.38 -2.53 22.05
N ARG B 347 -16.29 -1.66 23.05
CA ARG B 347 -17.47 -1.16 23.82
C ARG B 347 -18.46 -0.49 22.86
N THR B 348 -17.95 0.30 21.90
CA THR B 348 -18.78 1.07 20.94
C THR B 348 -19.44 0.07 19.99
N ILE B 349 -18.70 -0.89 19.48
CA ILE B 349 -19.28 -1.96 18.61
C ILE B 349 -20.37 -2.71 19.39
N ASP B 350 -20.14 -3.01 20.67
CA ASP B 350 -21.09 -3.80 21.50
C ASP B 350 -22.39 -3.01 21.69
N LEU B 351 -22.28 -1.74 22.09
CA LEU B 351 -23.44 -0.83 22.17
C LEU B 351 -24.22 -0.84 20.85
N ALA B 352 -23.55 -0.71 19.71
CA ALA B 352 -24.23 -0.64 18.40
C ALA B 352 -24.91 -1.99 18.15
N THR B 353 -24.22 -3.09 18.43
CA THR B 353 -24.70 -4.46 18.08
C THR B 353 -26.00 -4.73 18.86
N ARG B 354 -25.99 -4.47 20.18
CA ARG B 354 -27.11 -4.93 21.05
C ARG B 354 -28.27 -3.95 20.94
N SER B 355 -28.08 -2.82 20.24
CA SER B 355 -29.13 -1.82 19.95
C SER B 355 -29.68 -2.00 18.52
N GLY B 356 -29.24 -3.04 17.80
CA GLY B 356 -29.71 -3.35 16.44
C GLY B 356 -29.15 -2.42 15.38
N TYR B 357 -28.10 -1.65 15.68
CA TYR B 357 -27.31 -0.90 14.67
C TYR B 357 -26.24 -1.81 14.04
N ARG B 358 -25.90 -1.54 12.78
CA ARG B 358 -24.75 -2.16 12.07
C ARG B 358 -23.47 -1.38 12.38
N SER B 359 -22.39 -2.11 12.61
CA SER B 359 -21.02 -1.58 12.75
C SER B 359 -20.30 -1.83 11.41
N VAL B 360 -19.88 -0.73 10.79
CA VAL B 360 -19.02 -0.72 9.58
C VAL B 360 -17.62 -0.35 10.05
N ILE B 361 -16.70 -1.33 10.06
CA ILE B 361 -15.30 -1.09 10.51
C ILE B 361 -14.56 -0.35 9.39
N SER B 362 -13.89 0.74 9.74
CA SER B 362 -13.43 1.76 8.77
C SER B 362 -11.92 1.98 8.81
N HIS B 363 -11.38 2.20 7.62
CA HIS B 363 -10.03 2.76 7.42
C HIS B 363 -10.04 4.25 7.78
N ARG B 364 -8.88 4.87 7.70
CA ARG B 364 -8.75 6.34 7.55
C ARG B 364 -8.14 6.59 6.17
N SER B 365 -8.20 7.83 5.70
CA SER B 365 -7.66 8.21 4.37
C SER B 365 -6.14 7.99 4.39
N GLY B 366 -5.47 8.26 5.50
CA GLY B 366 -4.08 7.84 5.73
C GLY B 366 -4.04 6.46 6.37
N GLU B 367 -3.73 5.42 5.59
CA GLU B 367 -3.59 4.05 6.12
C GLU B 367 -2.11 3.62 6.14
N THR B 368 -1.89 2.40 6.60
CA THR B 368 -0.60 1.69 6.72
C THR B 368 -0.81 0.23 6.31
N GLU B 369 0.26 -0.55 6.46
CA GLU B 369 0.36 -1.98 6.08
C GLU B 369 -0.33 -2.81 7.18
N ASP B 370 -0.76 -2.17 8.26
CA ASP B 370 -1.53 -2.81 9.37
C ASP B 370 -2.84 -3.42 8.83
N THR B 371 -3.29 -4.57 9.33
CA THR B 371 -4.51 -5.23 8.80
C THR B 371 -5.48 -5.53 9.94
N THR B 372 -5.32 -4.85 11.07
CA THR B 372 -6.09 -5.10 12.32
C THR B 372 -7.59 -5.04 12.02
N ILE B 373 -8.02 -4.08 11.21
CA ILE B 373 -9.47 -3.86 10.99
C ILE B 373 -10.06 -5.09 10.29
N ALA B 374 -9.28 -5.87 9.53
CA ALA B 374 -9.83 -7.09 8.91
C ALA B 374 -10.23 -8.03 10.05
N ASP B 375 -9.30 -8.28 10.96
CA ASP B 375 -9.53 -9.13 12.16
C ASP B 375 -10.62 -8.53 13.07
N LEU B 376 -10.62 -7.21 13.30
CA LEU B 376 -11.67 -6.57 14.13
C LEU B 376 -13.06 -6.82 13.54
N ALA B 377 -13.21 -6.64 12.23
CA ALA B 377 -14.48 -6.93 11.52
C ALA B 377 -14.91 -8.38 11.77
N VAL B 378 -14.03 -9.36 11.65
CA VAL B 378 -14.46 -10.79 11.74
C VAL B 378 -14.75 -11.13 13.20
N ALA B 379 -13.92 -10.60 14.12
CA ALA B 379 -14.00 -10.84 15.58
C ALA B 379 -15.34 -10.39 16.14
N THR B 380 -15.87 -9.23 15.70
CA THR B 380 -17.13 -8.63 16.20
C THR B 380 -18.31 -9.02 15.31
N ARG B 381 -18.12 -9.83 14.27
CA ARG B 381 -19.19 -10.20 13.29
C ARG B 381 -19.89 -8.92 12.81
N ALA B 382 -19.13 -7.85 12.61
CA ALA B 382 -19.65 -6.51 12.21
C ALA B 382 -20.44 -6.64 10.90
N GLY B 383 -19.95 -7.45 9.96
CA GLY B 383 -20.62 -7.81 8.70
C GLY B 383 -20.31 -6.82 7.59
N GLN B 384 -19.66 -5.70 7.90
CA GLN B 384 -19.25 -4.68 6.89
C GLN B 384 -17.88 -4.08 7.25
N ILE B 385 -17.11 -3.79 6.21
CA ILE B 385 -15.78 -3.14 6.32
C ILE B 385 -15.71 -2.09 5.21
N LYS B 386 -15.19 -0.92 5.56
CA LYS B 386 -14.87 0.18 4.62
C LYS B 386 -13.36 0.40 4.68
N THR B 387 -12.65 -0.06 3.63
CA THR B 387 -11.17 -0.03 3.61
C THR B 387 -10.65 0.39 2.23
N GLY B 388 -11.43 1.14 1.44
CA GLY B 388 -10.95 1.81 0.22
C GLY B 388 -11.26 1.05 -1.07
N SER B 389 -10.55 1.36 -2.15
CA SER B 389 -10.83 0.87 -3.53
C SER B 389 -10.20 -0.50 -3.76
N LEU B 390 -9.98 -0.87 -5.01
CA LEU B 390 -9.29 -2.09 -5.48
C LEU B 390 -7.86 -1.76 -5.97
N SER B 391 -7.22 -0.71 -5.44
CA SER B 391 -5.79 -0.41 -5.69
C SER B 391 -5.16 0.25 -4.46
N ARG B 392 -3.82 0.17 -4.33
CA ARG B 392 -2.98 0.67 -3.22
C ARG B 392 -3.00 -0.35 -2.09
N SER B 393 -1.83 -0.85 -1.67
CA SER B 393 -1.77 -2.04 -0.78
C SER B 393 -2.16 -1.71 0.66
N GLU B 394 -2.19 -0.43 1.08
CA GLU B 394 -2.73 -0.08 2.42
C GLU B 394 -4.23 -0.41 2.42
N ARG B 395 -4.82 -0.57 1.23
CA ARG B 395 -6.23 -1.00 1.09
C ARG B 395 -6.23 -2.49 0.79
N ILE B 396 -5.51 -2.91 -0.26
CA ILE B 396 -5.53 -4.35 -0.71
C ILE B 396 -5.09 -5.25 0.43
N ALA B 397 -4.20 -4.80 1.33
CA ALA B 397 -3.65 -5.68 2.40
C ALA B 397 -4.79 -6.16 3.31
N LYS B 398 -5.84 -5.36 3.50
CA LYS B 398 -6.98 -5.75 4.35
C LYS B 398 -7.77 -6.86 3.62
N TYR B 399 -7.99 -6.73 2.32
CA TYR B 399 -8.67 -7.77 1.50
C TYR B 399 -7.84 -9.05 1.56
N ASN B 400 -6.52 -8.94 1.41
CA ASN B 400 -5.62 -10.13 1.46
C ASN B 400 -5.73 -10.78 2.84
N ARG B 401 -5.75 -9.99 3.91
CA ARG B 401 -5.89 -10.52 5.29
C ARG B 401 -7.21 -11.30 5.38
N LEU B 402 -8.32 -10.74 4.89
CA LEU B 402 -9.64 -11.39 4.93
C LEU B 402 -9.62 -12.68 4.09
N LEU B 403 -8.92 -12.75 2.98
CA LEU B 403 -8.71 -14.01 2.20
C LEU B 403 -8.08 -15.07 3.11
N ARG B 404 -7.09 -14.64 3.92
CA ARG B 404 -6.31 -15.54 4.81
C ARG B 404 -7.24 -16.03 5.93
N ILE B 405 -8.04 -15.13 6.51
CA ILE B 405 -9.00 -15.49 7.58
C ILE B 405 -10.05 -16.45 7.01
N GLU B 406 -10.59 -16.15 5.84
CA GLU B 406 -11.63 -17.00 5.22
C GLU B 406 -11.09 -18.42 4.98
N ALA B 407 -9.86 -18.55 4.51
CA ALA B 407 -9.22 -19.86 4.22
C ALA B 407 -8.99 -20.63 5.51
N ALA B 408 -8.55 -19.98 6.59
CA ALA B 408 -8.27 -20.61 7.89
C ALA B 408 -9.60 -21.06 8.53
N LEU B 409 -10.70 -20.34 8.31
CA LEU B 409 -12.04 -20.67 8.85
C LEU B 409 -12.62 -21.91 8.15
N GLY B 410 -12.17 -22.25 6.94
CA GLY B 410 -12.64 -23.43 6.20
C GLY B 410 -14.16 -23.48 6.11
N GLU B 411 -14.75 -24.62 6.45
CA GLU B 411 -16.22 -24.86 6.38
C GLU B 411 -16.99 -23.96 7.37
N ASN B 412 -16.32 -23.29 8.31
CA ASN B 412 -16.99 -22.42 9.32
C ASN B 412 -17.16 -20.98 8.77
N ALA B 413 -16.54 -20.65 7.64
CA ALA B 413 -16.54 -19.27 7.09
C ALA B 413 -17.93 -18.94 6.54
N LEU B 414 -18.49 -17.82 7.00
CA LEU B 414 -19.75 -17.26 6.48
C LEU B 414 -19.45 -15.89 5.85
N TYR B 415 -20.18 -15.55 4.79
CA TYR B 415 -20.17 -14.21 4.16
C TYR B 415 -21.40 -13.44 4.67
N ALA B 416 -21.19 -12.26 5.27
CA ALA B 416 -22.26 -11.42 5.86
C ALA B 416 -23.41 -11.25 4.85
N GLY B 417 -23.08 -11.09 3.58
CA GLY B 417 -24.07 -10.79 2.53
C GLY B 417 -25.05 -11.94 2.28
N ALA B 418 -24.68 -13.19 2.59
CA ALA B 418 -25.50 -14.42 2.35
C ALA B 418 -26.35 -14.80 3.58
N ILE B 419 -26.06 -14.26 4.77
CA ILE B 419 -26.71 -14.64 6.05
C ILE B 419 -27.39 -13.43 6.71
N GLY B 420 -27.67 -12.36 5.95
CA GLY B 420 -28.39 -11.18 6.48
C GLY B 420 -27.57 -10.37 7.49
N LEU B 421 -26.24 -10.36 7.40
CA LEU B 421 -25.38 -9.50 8.25
C LEU B 421 -24.77 -8.34 7.45
N GLY B 422 -25.10 -8.21 6.17
CA GLY B 422 -24.69 -7.08 5.32
C GLY B 422 -25.54 -5.86 5.56
N PRO B 423 -25.48 -4.83 4.69
CA PRO B 423 -26.27 -3.61 4.88
C PRO B 423 -27.80 -3.81 4.92
N LYS B 424 -28.48 -3.08 5.81
CA LYS B 424 -29.94 -3.17 6.13
C LYS B 424 -30.36 -1.91 6.90
C1 PEP C . 10.77 0.02 -13.32
O1 PEP C . 11.50 -0.34 -14.23
O2' PEP C . 10.96 1.04 -12.63
C2 PEP C . 9.63 -0.77 -13.06
C3 PEP C . 8.66 -0.56 -12.09
O2 PEP C . 9.52 -1.83 -13.91
P PEP C . 8.21 -2.63 -14.42
O1P PEP C . 8.85 -3.59 -15.40
O2P PEP C . 7.52 -3.37 -13.29
O3P PEP C . 7.25 -1.71 -15.07
CA CA D . 12.65 0.70 -16.11
CA CA E . 9.19 -3.73 -17.84
CA CA F . 2.64 11.02 -24.39
CA CA G . 11.51 -4.70 -24.39
C ACT H . 32.49 0.06 5.56
O ACT H . 32.81 -0.16 4.41
OXT ACT H . 31.76 -0.71 6.19
CH3 ACT H . 33.00 1.34 6.27
C1 PEP I . -13.99 8.26 5.74
O1 PEP I . -14.59 7.42 5.10
O2' PEP I . -14.53 9.10 6.45
C2 PEP I . -12.59 8.28 5.61
C3 PEP I . -11.75 7.28 5.14
O2 PEP I . -11.97 9.48 5.82
P PEP I . -11.15 10.07 7.05
O1P PEP I . -10.03 9.13 7.51
O2P PEP I . -12.15 10.34 8.14
O3P PEP I . -10.51 11.35 6.55
CA CA J . -17.02 9.80 6.00
CA CA K . -12.91 12.85 9.01
CA CA L . -17.38 18.35 14.33
C ACT M . -25.12 -18.08 12.07
O ACT M . -23.93 -18.01 12.40
OXT ACT M . -25.97 -17.32 12.53
CH3 ACT M . -25.58 -19.18 11.04
#